data_7OAR
#
_entry.id   7OAR
#
_cell.length_a   151.782
_cell.length_b   151.782
_cell.length_c   219.534
_cell.angle_alpha   90.000
_cell.angle_beta   90.000
_cell.angle_gamma   120.000
#
_symmetry.space_group_name_H-M   'P 62 2 2'
#
loop_
_entity.id
_entity.type
_entity.pdbx_description
1 polymer 'Pif1 helicase'
2 polymer 'DNA (28-MER)'
3 non-polymer "ADENOSINE-5'-DIPHOSPHATE"
4 non-polymer 'MAGNESIUM ION'
5 non-polymer 'TETRAFLUOROALUMINATE ION'
6 non-polymer 'POTASSIUM ION'
7 water water
#
loop_
_entity_poly.entity_id
_entity_poly.type
_entity_poly.pdbx_seq_one_letter_code
_entity_poly.pdbx_strand_id
1 'polypeptide(L)'
;EFHMTPEGLSSEQQRAFLAVTQTPHPAHLITGPAGTGKTTLLYALQKFYKGRAVTLAPTGTAALQARGQTVHSFFRFPAR
LLRYRHPEDIRPPGPHSPLRKAIEQMEVLILDEVGMVRVDLLEAMDWALRKTRKRLEEPFGGVKVLLLGDTRQLEPVVPG
GEEALYIARTWGGPFFFQAHVWEEVALRVHRLWESQRQREDPLFAELLKRLRQGDPQALETLNRAAVRPDGGEEPGTLIL
TPRRKEADALNLKRLEALPGKPLEYQAQVKGEFAETDFPTEAALTLKKGAQVILLRNDPLGEYFNGDLGWVEDLEAEALA
VRLKRNGRRVVIRPFVWEKIVYTYDSEREEIKPQVVGTFRQVPVRLAWALTVHKAQGLTLDKVHLELGRGLFAHGQLYVA
LTRVRRLQDLSLSRPIAPTELLWRPEVEVFETRIQEGIWQKSHGWPSLVD
;
A,B
2 'polydeoxyribonucleotide'
;(DT)(DT)(DT)(DT)(DT)(DT)(DG)(DG)(DG)(DT)(DG)(DG)(DG)(DT)(DG)(DG)(DG)(DT)(DG)(DG)
(DG)(DT)(DT)(DT)(DT)(DT)(DT)(DT)(DT)
;
C
#
loop_
_chem_comp.id
_chem_comp.type
_chem_comp.name
_chem_comp.formula
ADP non-polymer ADENOSINE-5'-DIPHOSPHATE 'C10 H15 N5 O10 P2'
ALF non-polymer 'TETRAFLUOROALUMINATE ION' 'Al F4 -1'
DG DNA linking 2'-DEOXYGUANOSINE-5'-MONOPHOSPHATE 'C10 H14 N5 O7 P'
DT DNA linking THYMIDINE-5'-MONOPHOSPHATE 'C10 H15 N2 O8 P'
K non-polymer 'POTASSIUM ION' 'K 1'
MG non-polymer 'MAGNESIUM ION' 'Mg 2'
#
# COMPACT_ATOMS: atom_id res chain seq x y z
N GLU A 7 -9.49 37.52 -19.97
CA GLU A 7 -9.07 38.88 -20.27
C GLU A 7 -10.22 39.81 -20.57
N GLY A 8 -10.90 40.38 -19.58
CA GLY A 8 -11.68 41.51 -20.06
C GLY A 8 -13.19 41.54 -20.04
N LEU A 9 -13.86 40.90 -19.08
CA LEU A 9 -15.10 40.16 -19.32
C LEU A 9 -16.01 40.84 -20.33
N SER A 10 -16.43 40.05 -21.32
CA SER A 10 -17.38 40.47 -22.32
C SER A 10 -18.73 40.77 -21.69
N SER A 11 -19.62 41.34 -22.50
CA SER A 11 -20.94 41.70 -21.98
C SER A 11 -21.74 40.46 -21.61
N GLU A 12 -21.62 39.38 -22.39
CA GLU A 12 -22.27 38.14 -22.04
C GLU A 12 -21.54 37.37 -20.95
N GLN A 13 -20.25 37.65 -20.76
CA GLN A 13 -19.54 37.03 -19.65
C GLN A 13 -19.93 37.66 -18.32
N GLN A 14 -19.91 39.00 -18.26
CA GLN A 14 -20.22 39.69 -17.02
C GLN A 14 -21.68 39.50 -16.61
N ARG A 15 -22.57 39.34 -17.59
CA ARG A 15 -23.97 39.15 -17.28
C ARG A 15 -24.24 37.73 -16.74
N ALA A 16 -23.45 36.75 -17.18
CA ALA A 16 -23.43 35.45 -16.51
C ALA A 16 -22.76 35.54 -15.14
N PHE A 17 -21.78 36.41 -15.00
CA PHE A 17 -21.11 36.56 -13.71
C PHE A 17 -22.09 36.99 -12.63
N LEU A 18 -22.91 38.01 -12.93
CA LEU A 18 -23.85 38.44 -11.92
C LEU A 18 -25.03 37.48 -11.79
N ALA A 19 -25.41 36.81 -12.88
CA ALA A 19 -26.48 35.81 -12.79
C ALA A 19 -26.11 34.67 -11.87
N VAL A 20 -24.81 34.42 -11.69
CA VAL A 20 -24.37 33.23 -10.98
C VAL A 20 -23.95 33.61 -9.56
N THR A 21 -23.46 34.84 -9.35
CA THR A 21 -22.97 35.22 -8.02
C THR A 21 -24.07 35.75 -7.11
N GLN A 22 -24.83 36.75 -7.57
CA GLN A 22 -25.80 37.40 -6.69
C GLN A 22 -27.19 36.78 -6.86
N THR A 23 -27.29 35.52 -6.43
CA THR A 23 -28.55 34.81 -6.27
C THR A 23 -28.29 33.56 -5.42
N PRO A 24 -29.25 33.13 -4.60
CA PRO A 24 -28.98 32.03 -3.67
C PRO A 24 -29.14 30.64 -4.27
N HIS A 25 -29.50 30.53 -5.55
CA HIS A 25 -29.68 29.21 -6.15
C HIS A 25 -28.34 28.49 -6.21
N PRO A 26 -28.26 27.24 -5.77
CA PRO A 26 -26.97 26.58 -5.56
C PRO A 26 -26.41 25.75 -6.70
N ALA A 27 -27.07 25.73 -7.86
CA ALA A 27 -26.64 24.85 -8.96
C ALA A 27 -26.73 25.61 -10.28
N HIS A 28 -25.57 25.94 -10.84
CA HIS A 28 -25.48 26.67 -12.10
C HIS A 28 -24.59 25.93 -13.09
N LEU A 29 -24.98 25.96 -14.36
CA LEU A 29 -24.17 25.49 -15.48
C LEU A 29 -23.95 26.65 -16.44
N ILE A 30 -22.69 26.95 -16.75
CA ILE A 30 -22.33 27.90 -17.79
C ILE A 30 -21.75 27.11 -18.95
N THR A 31 -22.44 27.10 -20.08
CA THR A 31 -21.99 26.31 -21.21
C THR A 31 -22.10 27.14 -22.48
N GLY A 32 -21.42 26.68 -23.51
CA GLY A 32 -21.38 27.38 -24.77
C GLY A 32 -20.35 26.72 -25.66
N PRO A 33 -20.29 27.15 -26.91
CA PRO A 33 -19.32 26.57 -27.86
C PRO A 33 -17.89 26.74 -27.38
N ALA A 34 -16.99 26.03 -28.06
CA ALA A 34 -15.58 26.11 -27.72
C ALA A 34 -15.05 27.54 -27.85
N GLY A 35 -14.23 27.95 -26.88
CA GLY A 35 -13.57 29.24 -26.96
C GLY A 35 -14.40 30.46 -26.59
N THR A 36 -15.54 30.27 -25.95
CA THR A 36 -16.41 31.39 -25.60
C THR A 36 -15.95 32.14 -24.36
N GLY A 37 -14.96 31.64 -23.66
CA GLY A 37 -14.46 32.25 -22.45
C GLY A 37 -15.01 31.64 -21.19
N LYS A 38 -15.45 30.39 -21.23
CA LYS A 38 -15.98 29.79 -20.01
C LYS A 38 -14.91 29.74 -18.92
N THR A 39 -13.72 29.25 -19.27
CA THR A 39 -12.66 29.15 -18.26
C THR A 39 -12.18 30.53 -17.82
N THR A 40 -12.20 31.50 -18.73
CA THR A 40 -11.83 32.86 -18.35
C THR A 40 -12.86 33.44 -17.39
N LEU A 41 -14.14 33.12 -17.58
CA LEU A 41 -15.14 33.52 -16.60
C LEU A 41 -14.91 32.78 -15.28
N LEU A 42 -14.38 31.55 -15.36
CA LEU A 42 -14.00 30.84 -14.14
C LEU A 42 -13.00 31.65 -13.32
N TYR A 43 -11.99 32.25 -13.98
CA TYR A 43 -11.02 33.10 -13.27
C TYR A 43 -11.71 34.26 -12.56
N ALA A 44 -12.68 34.91 -13.20
CA ALA A 44 -13.38 36.00 -12.54
C ALA A 44 -14.15 35.48 -11.33
N LEU A 45 -14.76 34.29 -11.46
CA LEU A 45 -15.41 33.70 -10.30
C LEU A 45 -14.37 33.24 -9.28
N GLN A 46 -13.22 32.74 -9.75
CA GLN A 46 -12.17 32.27 -8.87
C GLN A 46 -11.75 33.34 -7.89
N LYS A 47 -11.67 34.57 -8.36
CA LYS A 47 -11.23 35.64 -7.50
C LYS A 47 -12.35 36.39 -6.77
N PHE A 48 -13.61 36.20 -7.13
CA PHE A 48 -14.64 36.64 -6.20
C PHE A 48 -14.71 35.69 -4.99
N TYR A 49 -14.98 34.41 -5.24
CA TYR A 49 -15.12 33.44 -4.14
C TYR A 49 -13.77 33.16 -3.46
N LYS A 50 -12.70 33.03 -4.25
CA LYS A 50 -11.33 33.34 -3.80
C LYS A 50 -10.90 32.67 -2.49
N GLY A 51 -11.29 31.42 -2.30
CA GLY A 51 -10.80 30.71 -1.13
C GLY A 51 -11.98 30.05 -0.44
N ARG A 52 -13.16 30.55 -0.76
CA ARG A 52 -14.41 29.90 -0.42
C ARG A 52 -14.83 28.94 -1.51
N ALA A 53 -14.05 28.87 -2.59
CA ALA A 53 -14.34 28.04 -3.75
C ALA A 53 -13.17 27.12 -4.04
N VAL A 54 -13.50 25.87 -4.34
CA VAL A 54 -12.56 24.85 -4.78
C VAL A 54 -12.87 24.54 -6.23
N THR A 55 -11.91 24.77 -7.12
CA THR A 55 -12.09 24.54 -8.54
C THR A 55 -11.42 23.24 -8.94
N LEU A 56 -12.13 22.42 -9.72
CA LEU A 56 -11.69 21.09 -10.12
C LEU A 56 -12.10 20.81 -11.58
N ALA A 57 -11.47 19.80 -12.18
CA ALA A 57 -11.71 19.40 -13.55
C ALA A 57 -11.38 17.91 -13.70
N PRO A 58 -11.95 17.23 -14.71
CA PRO A 58 -11.74 15.77 -14.81
C PRO A 58 -10.35 15.33 -15.29
N THR A 59 -9.65 16.14 -16.11
CA THR A 59 -8.32 15.78 -16.58
C THR A 59 -7.27 16.72 -15.98
N GLY A 60 -6.03 16.25 -15.93
CA GLY A 60 -4.94 17.10 -15.45
C GLY A 60 -4.81 18.37 -16.26
N THR A 61 -4.87 18.25 -17.58
CA THR A 61 -4.79 19.42 -18.45
C THR A 61 -5.87 20.43 -18.13
N ALA A 62 -7.12 19.96 -18.03
CA ALA A 62 -8.21 20.90 -17.75
C ALA A 62 -8.09 21.47 -16.33
N ALA A 63 -7.54 20.69 -15.41
CA ALA A 63 -7.33 21.20 -14.06
C ALA A 63 -6.26 22.28 -14.03
N LEU A 64 -5.20 22.14 -14.84
CA LEU A 64 -4.20 23.19 -14.86
C LEU A 64 -4.73 24.45 -15.52
N GLN A 65 -5.56 24.32 -16.57
CA GLN A 65 -6.12 25.50 -17.22
C GLN A 65 -7.03 26.27 -16.27
N ALA A 66 -7.78 25.55 -15.43
CA ALA A 66 -8.71 26.16 -14.48
C ALA A 66 -8.05 26.53 -13.15
N ARG A 67 -6.72 26.40 -13.04
CA ARG A 67 -6.00 26.75 -11.82
C ARG A 67 -6.51 25.97 -10.62
N GLY A 68 -6.83 24.70 -10.85
CA GLY A 68 -7.31 23.83 -9.79
C GLY A 68 -6.68 22.47 -9.84
N GLN A 69 -7.43 21.45 -9.42
CA GLN A 69 -6.95 20.08 -9.31
C GLN A 69 -7.92 19.14 -9.99
N THR A 70 -7.44 17.94 -10.31
CA THR A 70 -8.34 16.90 -10.76
C THR A 70 -9.30 16.52 -9.64
N VAL A 71 -10.52 16.13 -10.03
CA VAL A 71 -11.54 15.79 -9.04
C VAL A 71 -11.08 14.57 -8.23
N HIS A 72 -10.40 13.63 -8.89
CA HIS A 72 -9.90 12.44 -8.18
C HIS A 72 -8.88 12.83 -7.13
N SER A 73 -7.89 13.65 -7.51
CA SER A 73 -6.83 14.04 -6.58
C SER A 73 -7.41 14.68 -5.33
N PHE A 74 -8.37 15.59 -5.49
CA PHE A 74 -8.93 16.29 -4.34
C PHE A 74 -9.72 15.36 -3.43
N PHE A 75 -10.68 14.63 -3.99
CA PHE A 75 -11.51 13.73 -3.19
C PHE A 75 -10.81 12.41 -2.86
N ARG A 76 -9.65 12.16 -3.45
CA ARG A 76 -8.90 10.91 -3.23
C ARG A 76 -9.69 9.71 -3.73
N PHE A 77 -10.33 9.87 -4.88
CA PHE A 77 -11.02 8.79 -5.56
C PHE A 77 -10.03 7.87 -6.29
N PRO A 78 -10.32 6.59 -6.35
CA PRO A 78 -9.48 5.67 -7.12
C PRO A 78 -9.77 5.78 -8.61
N ALA A 79 -8.89 5.19 -9.41
CA ALA A 79 -9.01 5.26 -10.87
C ALA A 79 -9.73 4.03 -11.38
N ARG A 80 -11.00 3.94 -11.00
CA ARG A 80 -11.82 2.82 -11.43
C ARG A 80 -13.27 3.21 -11.27
N LEU A 81 -14.16 2.30 -11.64
CA LEU A 81 -15.58 2.55 -11.57
C LEU A 81 -15.97 2.92 -10.14
N LEU A 82 -16.66 4.04 -9.99
CA LEU A 82 -17.10 4.50 -8.67
C LEU A 82 -18.55 4.07 -8.48
N ARG A 83 -18.74 2.84 -7.99
CA ARG A 83 -20.08 2.29 -7.80
C ARG A 83 -20.91 3.19 -6.91
N TYR A 84 -22.21 3.25 -7.20
CA TYR A 84 -23.06 4.27 -6.59
C TYR A 84 -22.96 4.22 -5.06
N ARG A 85 -22.44 5.29 -4.46
CA ARG A 85 -22.35 5.43 -3.01
C ARG A 85 -21.72 4.21 -2.35
N HIS A 86 -20.84 3.52 -3.08
CA HIS A 86 -20.20 2.33 -2.53
C HIS A 86 -19.09 2.73 -1.59
N PRO A 87 -19.08 2.27 -0.34
CA PRO A 87 -18.01 2.67 0.59
C PRO A 87 -16.65 2.12 0.20
N GLU A 88 -16.57 1.14 -0.70
CA GLU A 88 -15.26 0.65 -1.16
C GLU A 88 -14.59 1.64 -2.08
N ASP A 89 -15.37 2.42 -2.84
CA ASP A 89 -14.83 3.37 -3.80
C ASP A 89 -14.88 4.81 -3.28
N ILE A 90 -16.01 5.24 -2.74
CA ILE A 90 -16.10 6.58 -2.12
C ILE A 90 -15.74 6.42 -0.64
N ARG A 91 -14.43 6.46 -0.32
CA ARG A 91 -14.01 6.36 1.08
C ARG A 91 -14.08 7.71 1.76
N PRO A 92 -14.71 7.83 2.93
CA PRO A 92 -14.83 9.14 3.56
C PRO A 92 -13.51 9.56 4.17
N PRO A 93 -13.24 10.87 4.23
CA PRO A 93 -11.97 11.34 4.76
C PRO A 93 -11.89 11.16 6.27
N GLY A 94 -10.66 11.23 6.79
CA GLY A 94 -10.41 10.98 8.20
C GLY A 94 -11.02 12.02 9.11
N PRO A 95 -11.17 11.67 10.40
CA PRO A 95 -11.83 12.58 11.35
C PRO A 95 -11.15 13.93 11.52
N HIS A 96 -9.81 13.95 11.45
CA HIS A 96 -9.04 15.18 11.55
C HIS A 96 -8.28 15.44 10.26
N SER A 97 -8.80 14.96 9.14
CA SER A 97 -8.11 15.06 7.87
C SER A 97 -8.08 16.50 7.36
N PRO A 98 -7.10 16.85 6.54
CA PRO A 98 -7.14 18.15 5.86
C PRO A 98 -8.33 18.27 4.94
N LEU A 99 -8.73 17.18 4.29
CA LEU A 99 -9.83 17.25 3.34
C LEU A 99 -11.17 17.45 4.06
N ARG A 100 -11.34 16.85 5.24
CA ARG A 100 -12.58 17.04 5.99
C ARG A 100 -12.83 18.52 6.24
N LYS A 101 -11.88 19.21 6.88
CA LYS A 101 -12.04 20.65 7.04
C LYS A 101 -12.23 21.33 5.71
N ALA A 102 -11.47 20.92 4.70
CA ALA A 102 -11.64 21.49 3.37
C ALA A 102 -13.09 21.37 2.91
N ILE A 103 -13.68 20.19 3.06
CA ILE A 103 -15.07 19.96 2.65
C ILE A 103 -16.04 20.66 3.60
N GLU A 104 -15.73 20.69 4.90
CA GLU A 104 -16.67 21.22 5.88
C GLU A 104 -16.77 22.74 5.80
N GLN A 105 -15.68 23.43 5.47
CA GLN A 105 -15.72 24.88 5.31
C GLN A 105 -15.92 25.31 3.86
N MET A 106 -16.05 24.37 2.93
CA MET A 106 -16.25 24.71 1.53
C MET A 106 -17.58 25.42 1.32
N GLU A 107 -17.59 26.41 0.46
CA GLU A 107 -18.81 27.15 0.16
C GLU A 107 -19.21 27.05 -1.30
N VAL A 108 -18.25 27.12 -2.21
CA VAL A 108 -18.51 27.00 -3.63
C VAL A 108 -17.53 25.99 -4.21
N LEU A 109 -18.01 25.19 -5.16
CA LEU A 109 -17.17 24.28 -5.92
C LEU A 109 -17.39 24.57 -7.39
N ILE A 110 -16.31 24.93 -8.08
CA ILE A 110 -16.32 25.24 -9.50
C ILE A 110 -15.75 24.03 -10.22
N LEU A 111 -16.52 23.48 -11.15
CA LEU A 111 -16.16 22.28 -11.87
C LEU A 111 -16.11 22.60 -13.36
N ASP A 112 -14.91 22.61 -13.93
CA ASP A 112 -14.72 23.00 -15.31
C ASP A 112 -14.61 21.78 -16.19
N GLU A 113 -14.83 22.00 -17.48
CA GLU A 113 -14.97 20.94 -18.47
C GLU A 113 -15.79 19.77 -17.94
N VAL A 114 -16.96 20.11 -17.40
CA VAL A 114 -17.88 19.15 -16.79
C VAL A 114 -18.40 18.14 -17.81
N GLY A 115 -18.29 18.42 -19.11
CA GLY A 115 -18.74 17.46 -20.11
C GLY A 115 -17.92 16.18 -20.12
N MET A 116 -16.66 16.26 -19.71
CA MET A 116 -15.83 15.07 -19.67
C MET A 116 -15.93 14.33 -18.33
N VAL A 117 -16.81 14.80 -17.44
CA VAL A 117 -16.98 14.20 -16.12
C VAL A 117 -17.98 13.07 -16.23
N ARG A 118 -17.50 11.85 -16.07
CA ARG A 118 -18.40 10.71 -16.17
C ARG A 118 -19.40 10.73 -15.00
N VAL A 119 -20.57 10.14 -15.25
CA VAL A 119 -21.67 10.27 -14.29
C VAL A 119 -21.30 9.75 -12.91
N ASP A 120 -20.54 8.64 -12.83
CA ASP A 120 -20.18 8.09 -11.53
C ASP A 120 -19.24 9.02 -10.77
N LEU A 121 -18.43 9.78 -11.49
CA LEU A 121 -17.57 10.74 -10.82
C LEU A 121 -18.38 11.88 -10.20
N LEU A 122 -19.35 12.42 -10.94
CA LEU A 122 -20.19 13.48 -10.41
C LEU A 122 -21.00 12.98 -9.22
N GLU A 123 -21.57 11.77 -9.31
CA GLU A 123 -22.36 11.25 -8.20
C GLU A 123 -21.48 10.98 -6.98
N ALA A 124 -20.21 10.61 -7.18
CA ALA A 124 -19.33 10.43 -6.04
C ALA A 124 -19.08 11.74 -5.32
N MET A 125 -18.94 12.84 -6.06
CA MET A 125 -18.80 14.14 -5.43
C MET A 125 -20.03 14.45 -4.60
N ASP A 126 -21.24 14.26 -5.16
CA ASP A 126 -22.44 14.51 -4.40
C ASP A 126 -22.40 13.78 -3.07
N TRP A 127 -22.16 12.47 -3.14
CA TRP A 127 -22.18 11.66 -1.93
C TRP A 127 -21.07 12.07 -0.98
N ALA A 128 -19.87 12.36 -1.51
CA ALA A 128 -18.76 12.75 -0.63
C ALA A 128 -19.11 14.00 0.15
N LEU A 129 -19.71 15.00 -0.52
CA LEU A 129 -20.04 16.25 0.15
C LEU A 129 -21.22 16.08 1.09
N ARG A 130 -22.23 15.31 0.71
CA ARG A 130 -23.37 15.11 1.59
C ARG A 130 -22.96 14.48 2.91
N LYS A 131 -22.21 13.36 2.83
CA LYS A 131 -22.00 12.56 4.03
C LYS A 131 -21.03 13.21 5.00
N THR A 132 -19.98 13.85 4.49
CA THR A 132 -19.00 14.45 5.40
C THR A 132 -19.47 15.82 5.94
N ARG A 133 -20.33 16.52 5.21
CA ARG A 133 -20.81 17.84 5.58
C ARG A 133 -22.02 17.84 6.52
N LYS A 134 -22.52 16.66 6.94
CA LYS A 134 -23.68 16.53 7.81
C LYS A 134 -25.00 16.87 7.11
N ARG A 135 -25.06 16.81 5.76
CA ARG A 135 -26.30 17.20 5.06
C ARG A 135 -26.71 16.14 4.03
N LEU A 136 -27.46 15.14 4.49
CA LEU A 136 -27.91 14.10 3.59
C LEU A 136 -29.07 14.55 2.72
N GLU A 137 -29.74 15.63 3.09
CA GLU A 137 -30.94 16.12 2.44
C GLU A 137 -30.69 17.12 1.31
N GLU A 138 -29.48 17.67 1.19
CA GLU A 138 -29.21 18.72 0.21
C GLU A 138 -28.18 18.24 -0.80
N PRO A 139 -28.41 18.46 -2.09
CA PRO A 139 -27.43 18.05 -3.10
C PRO A 139 -26.08 18.72 -2.88
N PHE A 140 -25.02 17.94 -3.03
CA PHE A 140 -23.66 18.40 -2.78
C PHE A 140 -23.53 18.99 -1.37
N GLY A 141 -24.35 18.53 -0.44
CA GLY A 141 -24.22 18.89 0.96
C GLY A 141 -24.51 20.35 1.26
N GLY A 142 -25.10 21.09 0.32
CA GLY A 142 -25.28 22.51 0.49
C GLY A 142 -24.26 23.36 -0.22
N VAL A 143 -23.30 22.74 -0.93
CA VAL A 143 -22.25 23.50 -1.61
C VAL A 143 -22.82 24.06 -2.90
N LYS A 144 -22.60 25.36 -3.13
CA LYS A 144 -22.94 26.00 -4.40
C LYS A 144 -22.02 25.46 -5.48
N VAL A 145 -22.57 24.76 -6.47
CA VAL A 145 -21.79 24.15 -7.54
C VAL A 145 -21.92 25.00 -8.79
N LEU A 146 -20.79 25.40 -9.34
CA LEU A 146 -20.77 26.18 -10.57
C LEU A 146 -20.01 25.34 -11.60
N LEU A 147 -20.76 24.68 -12.48
CA LEU A 147 -20.19 23.83 -13.51
C LEU A 147 -20.06 24.61 -14.82
N LEU A 148 -18.96 24.38 -15.54
CA LEU A 148 -18.75 24.93 -16.87
C LEU A 148 -18.22 23.84 -17.80
N GLY A 149 -18.73 23.79 -19.04
CA GLY A 149 -18.32 22.75 -19.97
C GLY A 149 -19.10 22.81 -21.27
N ASP A 150 -19.00 21.72 -22.04
CA ASP A 150 -19.64 21.70 -23.37
C ASP A 150 -19.87 20.23 -23.76
N THR A 151 -21.14 19.82 -23.83
CA THR A 151 -21.40 18.42 -24.13
C THR A 151 -21.15 18.09 -25.60
N ARG A 152 -20.96 19.08 -26.47
CA ARG A 152 -20.57 18.80 -27.85
C ARG A 152 -19.07 18.53 -27.99
N GLN A 153 -18.30 18.71 -26.93
CA GLN A 153 -16.91 18.34 -26.91
C GLN A 153 -16.83 16.91 -26.37
N LEU A 154 -15.63 16.44 -26.02
CA LEU A 154 -15.42 15.02 -25.78
C LEU A 154 -16.36 14.48 -24.74
N GLU A 155 -16.99 13.35 -25.08
CA GLU A 155 -17.81 12.58 -24.17
C GLU A 155 -16.93 11.87 -23.16
N PRO A 156 -17.47 11.50 -22.01
CA PRO A 156 -16.70 10.73 -21.02
C PRO A 156 -16.19 9.39 -21.56
N VAL A 157 -15.14 8.93 -20.90
CA VAL A 157 -14.45 7.69 -21.24
C VAL A 157 -15.16 6.54 -20.54
N VAL A 158 -15.79 5.68 -21.32
CA VAL A 158 -16.53 4.54 -20.79
C VAL A 158 -15.99 3.28 -21.46
N PRO A 159 -15.05 2.57 -20.83
CA PRO A 159 -14.57 1.31 -21.42
C PRO A 159 -15.70 0.31 -21.55
N GLY A 160 -15.89 -0.20 -22.77
CA GLY A 160 -16.93 -1.17 -23.00
C GLY A 160 -16.75 -2.42 -22.15
N GLY A 161 -17.87 -3.07 -21.82
CA GLY A 161 -17.85 -4.26 -21.00
C GLY A 161 -18.58 -4.02 -19.67
N GLU A 162 -18.04 -4.61 -18.61
CA GLU A 162 -18.74 -4.54 -17.33
C GLU A 162 -18.91 -3.10 -16.86
N GLU A 163 -17.90 -2.26 -17.11
CA GLU A 163 -17.98 -0.87 -16.68
C GLU A 163 -19.15 -0.16 -17.34
N ALA A 164 -19.27 -0.30 -18.67
CA ALA A 164 -20.37 0.31 -19.40
C ALA A 164 -21.72 -0.28 -19.00
N LEU A 165 -21.75 -1.58 -18.70
CA LEU A 165 -23.02 -2.16 -18.30
C LEU A 165 -23.43 -1.65 -16.92
N TYR A 166 -22.49 -1.55 -15.99
CA TYR A 166 -22.85 -1.00 -14.69
C TYR A 166 -23.39 0.42 -14.82
N ILE A 167 -22.73 1.23 -15.64
CA ILE A 167 -23.14 2.62 -15.81
C ILE A 167 -24.52 2.70 -16.46
N ALA A 168 -24.79 1.86 -17.47
CA ALA A 168 -26.12 1.88 -18.09
C ALA A 168 -27.19 1.43 -17.11
N ARG A 169 -26.92 0.40 -16.32
CA ARG A 169 -27.96 -0.14 -15.44
C ARG A 169 -28.23 0.80 -14.28
N THR A 170 -27.22 1.52 -13.79
CA THR A 170 -27.37 2.35 -12.62
C THR A 170 -27.92 3.74 -12.98
N TRP A 171 -27.48 4.31 -14.11
CA TRP A 171 -27.84 5.67 -14.47
C TRP A 171 -28.47 5.84 -15.85
N GLY A 172 -28.54 4.79 -16.67
CA GLY A 172 -29.01 4.89 -18.03
C GLY A 172 -27.95 5.32 -19.04
N GLY A 173 -27.02 6.18 -18.63
CA GLY A 173 -25.95 6.57 -19.50
C GLY A 173 -24.80 7.18 -18.71
N PRO A 174 -23.75 7.58 -19.42
CA PRO A 174 -22.54 8.05 -18.75
C PRO A 174 -22.42 9.55 -18.52
N PHE A 175 -23.32 10.38 -19.04
CA PHE A 175 -23.06 11.82 -19.02
C PHE A 175 -23.35 12.44 -17.65
N PHE A 176 -22.66 13.54 -17.36
CA PHE A 176 -22.83 14.17 -16.05
C PHE A 176 -24.28 14.58 -15.84
N PHE A 177 -24.98 14.95 -16.92
CA PHE A 177 -26.37 15.37 -16.74
C PHE A 177 -27.31 14.20 -16.47
N GLN A 178 -26.83 12.96 -16.49
CA GLN A 178 -27.66 11.80 -16.22
C GLN A 178 -27.58 11.35 -14.78
N ALA A 179 -26.94 12.17 -13.94
CA ALA A 179 -26.83 11.88 -12.52
C ALA A 179 -28.16 12.06 -11.82
N HIS A 180 -28.42 11.24 -10.79
CA HIS A 180 -29.70 11.29 -10.08
C HIS A 180 -29.85 12.55 -9.24
N VAL A 181 -28.73 13.17 -8.88
CA VAL A 181 -28.79 14.38 -8.06
C VAL A 181 -29.61 15.46 -8.78
N TRP A 182 -29.65 15.44 -10.11
CA TRP A 182 -30.42 16.44 -10.85
C TRP A 182 -31.92 16.22 -10.76
N GLU A 183 -32.36 15.12 -10.17
CA GLU A 183 -33.75 14.99 -9.78
C GLU A 183 -34.07 15.77 -8.51
N GLU A 184 -33.05 16.09 -7.69
CA GLU A 184 -33.24 16.78 -6.41
C GLU A 184 -33.03 18.28 -6.49
N VAL A 185 -32.35 18.77 -7.52
CA VAL A 185 -32.06 20.20 -7.66
C VAL A 185 -32.07 20.53 -9.15
N ALA A 186 -32.65 21.67 -9.49
CA ALA A 186 -32.68 22.16 -10.85
C ALA A 186 -31.36 22.83 -11.17
N LEU A 187 -30.87 22.64 -12.39
CA LEU A 187 -29.58 23.17 -12.83
C LEU A 187 -29.84 24.37 -13.73
N ARG A 188 -29.73 25.57 -13.17
CA ARG A 188 -29.87 26.80 -13.96
C ARG A 188 -28.75 26.92 -14.97
N VAL A 189 -29.13 27.13 -16.23
CA VAL A 189 -28.23 27.09 -17.37
C VAL A 189 -28.04 28.50 -17.92
N HIS A 190 -26.78 28.90 -18.08
CA HIS A 190 -26.38 30.19 -18.64
C HIS A 190 -25.49 29.93 -19.84
N ARG A 191 -25.82 30.55 -20.97
CA ARG A 191 -25.16 30.24 -22.23
C ARG A 191 -24.30 31.40 -22.68
N LEU A 192 -23.10 31.08 -23.16
CA LEU A 192 -22.21 32.04 -23.79
C LEU A 192 -22.14 31.70 -25.27
N TRP A 193 -22.33 32.70 -26.13
CA TRP A 193 -22.40 32.49 -27.58
C TRP A 193 -21.19 33.01 -28.33
N GLU A 194 -20.79 34.25 -28.07
CA GLU A 194 -19.80 34.92 -28.91
C GLU A 194 -18.41 34.35 -28.65
N SER A 195 -17.78 33.86 -29.70
CA SER A 195 -16.46 33.23 -29.58
C SER A 195 -15.38 34.26 -29.21
N GLN A 196 -14.61 33.96 -28.18
CA GLN A 196 -13.45 34.78 -27.83
C GLN A 196 -12.12 34.21 -28.29
N ARG A 197 -12.05 32.90 -28.59
CA ARG A 197 -10.79 32.36 -29.12
C ARG A 197 -10.56 32.82 -30.55
N GLN A 198 -11.59 32.67 -31.39
CA GLN A 198 -11.56 33.06 -32.81
C GLN A 198 -12.22 34.42 -33.06
N ARG A 199 -12.14 35.33 -32.09
CA ARG A 199 -12.81 36.62 -32.17
C ARG A 199 -12.40 37.40 -33.40
N GLU A 200 -11.12 37.36 -33.75
CA GLU A 200 -10.61 38.16 -34.84
C GLU A 200 -10.61 37.41 -36.16
N ASP A 201 -11.26 36.25 -36.21
CA ASP A 201 -11.45 35.51 -37.45
C ASP A 201 -12.90 35.02 -37.50
N PRO A 202 -13.85 35.94 -37.64
CA PRO A 202 -15.27 35.55 -37.48
C PRO A 202 -15.72 34.51 -38.47
N LEU A 203 -15.17 34.51 -39.67
CA LEU A 203 -15.57 33.52 -40.67
C LEU A 203 -15.16 32.12 -40.24
N PHE A 204 -13.96 31.98 -39.66
CA PHE A 204 -13.54 30.68 -39.14
C PHE A 204 -14.39 30.25 -37.97
N ALA A 205 -14.70 31.19 -37.08
CA ALA A 205 -15.56 30.90 -35.93
C ALA A 205 -16.94 30.46 -36.40
N GLU A 206 -17.47 31.08 -37.47
CA GLU A 206 -18.79 30.68 -37.97
C GLU A 206 -18.76 29.28 -38.59
N LEU A 207 -17.65 28.93 -39.25
CA LEU A 207 -17.52 27.59 -39.79
C LEU A 207 -17.53 26.56 -38.67
N LEU A 208 -16.86 26.87 -37.56
CA LEU A 208 -16.86 25.95 -36.43
C LEU A 208 -18.25 25.83 -35.81
N LYS A 209 -19.02 26.91 -35.80
CA LYS A 209 -20.39 26.82 -35.31
C LYS A 209 -21.21 25.85 -36.16
N ARG A 210 -21.07 25.96 -37.48
CA ARG A 210 -21.85 25.07 -38.33
C ARG A 210 -21.39 23.64 -38.20
N LEU A 211 -20.09 23.42 -37.98
CA LEU A 211 -19.61 22.05 -37.78
C LEU A 211 -20.14 21.48 -36.48
N ARG A 212 -20.32 22.32 -35.45
CA ARG A 212 -20.96 21.91 -34.20
C ARG A 212 -22.41 21.45 -34.45
N GLN A 213 -23.08 22.02 -35.44
CA GLN A 213 -24.41 21.56 -35.83
C GLN A 213 -24.36 20.51 -36.95
N GLY A 214 -23.25 19.79 -37.08
CA GLY A 214 -23.14 18.69 -38.03
C GLY A 214 -23.37 19.04 -39.49
N ASP A 215 -23.26 20.32 -39.85
CA ASP A 215 -23.53 20.76 -41.21
C ASP A 215 -22.61 20.03 -42.20
N PRO A 216 -23.16 19.39 -43.23
CA PRO A 216 -22.30 18.71 -44.22
C PRO A 216 -21.58 19.67 -45.15
N GLN A 217 -22.23 20.76 -45.54
CA GLN A 217 -21.55 21.70 -46.44
C GLN A 217 -20.42 22.45 -45.72
N ALA A 218 -20.55 22.67 -44.40
CA ALA A 218 -19.42 23.20 -43.64
C ALA A 218 -18.29 22.21 -43.60
N LEU A 219 -18.61 20.90 -43.59
CA LEU A 219 -17.59 19.86 -43.59
C LEU A 219 -16.82 19.86 -44.90
N GLU A 220 -17.53 19.96 -46.03
CA GLU A 220 -16.81 19.97 -47.29
C GLU A 220 -16.00 21.26 -47.44
N THR A 221 -16.48 22.38 -46.90
CA THR A 221 -15.67 23.59 -46.94
C THR A 221 -14.39 23.42 -46.13
N LEU A 222 -14.50 22.77 -44.97
CA LEU A 222 -13.35 22.59 -44.11
C LEU A 222 -12.26 21.80 -44.80
N ASN A 223 -12.61 20.71 -45.49
CA ASN A 223 -11.62 19.96 -46.24
C ASN A 223 -10.96 20.81 -47.32
N ARG A 224 -11.75 21.64 -47.99
CA ARG A 224 -11.22 22.51 -49.05
C ARG A 224 -10.18 23.49 -48.52
N ALA A 225 -10.29 23.91 -47.26
CA ALA A 225 -9.45 25.00 -46.74
C ALA A 225 -8.27 24.54 -45.90
N ALA A 226 -8.42 23.44 -45.15
CA ALA A 226 -7.46 23.11 -44.08
C ALA A 226 -6.82 21.73 -44.21
N VAL A 227 -6.97 21.04 -45.34
CA VAL A 227 -6.32 19.74 -45.54
C VAL A 227 -4.93 19.99 -46.14
N ARG A 228 -3.90 19.86 -45.31
CA ARG A 228 -2.51 19.93 -45.75
C ARG A 228 -1.72 18.84 -45.02
N PRO A 229 -1.30 17.77 -45.70
CA PRO A 229 -0.63 16.67 -44.99
C PRO A 229 0.69 17.05 -44.35
N ASP A 230 1.39 18.04 -44.87
CA ASP A 230 2.69 18.45 -44.36
C ASP A 230 2.61 19.32 -43.11
N GLY A 231 1.40 19.50 -42.55
CA GLY A 231 1.21 20.46 -41.47
C GLY A 231 1.91 20.09 -40.18
N GLY A 232 2.17 18.81 -39.96
CA GLY A 232 2.86 18.40 -38.74
C GLY A 232 4.30 18.87 -38.64
N GLU A 233 4.92 19.24 -39.77
CA GLU A 233 6.31 19.66 -39.82
C GLU A 233 6.51 21.14 -39.57
N GLU A 234 5.46 21.95 -39.63
CA GLU A 234 5.60 23.39 -39.38
C GLU A 234 6.13 23.62 -37.96
N PRO A 235 7.04 24.56 -37.78
CA PRO A 235 7.66 24.75 -36.45
C PRO A 235 6.63 25.11 -35.39
N GLY A 236 6.81 24.54 -34.21
CA GLY A 236 6.05 24.95 -33.05
C GLY A 236 4.57 24.60 -33.08
N THR A 237 4.14 23.70 -33.97
CA THR A 237 2.74 23.30 -34.03
C THR A 237 2.57 21.93 -33.39
N LEU A 238 1.49 21.76 -32.62
CA LEU A 238 1.24 20.53 -31.88
C LEU A 238 0.42 19.58 -32.75
N ILE A 239 0.75 18.29 -32.70
CA ILE A 239 0.00 17.26 -33.42
C ILE A 239 -1.02 16.67 -32.47
N LEU A 240 -2.25 16.54 -32.93
CA LEU A 240 -3.29 15.84 -32.19
C LEU A 240 -3.68 14.59 -32.94
N THR A 241 -4.17 13.62 -32.19
CA THR A 241 -4.31 12.26 -32.66
C THR A 241 -5.40 11.59 -31.85
N PRO A 242 -6.20 10.70 -32.45
CA PRO A 242 -7.21 10.03 -31.64
C PRO A 242 -6.63 9.04 -30.65
N ARG A 243 -5.56 8.33 -31.02
CA ARG A 243 -5.06 7.23 -30.20
C ARG A 243 -3.64 7.51 -29.69
N ARG A 244 -3.30 6.83 -28.60
CA ARG A 244 -1.98 7.00 -27.98
C ARG A 244 -0.87 6.47 -28.88
N LYS A 245 -1.06 5.27 -29.44
CA LYS A 245 -0.01 4.65 -30.24
C LYS A 245 0.26 5.43 -31.52
N GLU A 246 -0.74 6.14 -32.04
CA GLU A 246 -0.50 7.00 -33.17
C GLU A 246 0.32 8.24 -32.77
N ALA A 247 0.18 8.71 -31.53
CA ALA A 247 0.99 9.84 -31.08
C ALA A 247 2.44 9.44 -30.88
N ASP A 248 2.69 8.20 -30.47
CA ASP A 248 4.06 7.73 -30.30
C ASP A 248 4.78 7.64 -31.63
N ALA A 249 4.14 7.04 -32.65
CA ALA A 249 4.79 6.86 -33.95
C ALA A 249 5.18 8.20 -34.57
N LEU A 250 4.47 9.26 -34.22
CA LEU A 250 4.77 10.58 -34.76
C LEU A 250 5.77 11.34 -33.90
N ASN A 251 5.68 11.21 -32.56
CA ASN A 251 6.73 11.73 -31.69
C ASN A 251 8.08 11.08 -31.99
N LEU A 252 8.06 9.84 -32.51
CA LEU A 252 9.27 9.08 -32.83
C LEU A 252 10.23 9.87 -33.69
N LYS A 253 9.72 10.54 -34.72
CA LYS A 253 10.62 11.12 -35.71
C LYS A 253 11.23 12.42 -35.20
N ARG A 254 10.44 13.25 -34.50
CA ARG A 254 11.01 14.47 -33.96
C ARG A 254 12.01 14.21 -32.83
N LEU A 255 11.96 13.02 -32.23
CA LEU A 255 12.93 12.64 -31.20
C LEU A 255 14.29 12.32 -31.82
N GLU A 256 14.31 11.55 -32.92
CA GLU A 256 15.54 11.13 -33.56
C GLU A 256 16.10 12.19 -34.49
N ALA A 257 15.62 13.43 -34.34
CA ALA A 257 16.10 14.60 -35.06
C ALA A 257 16.82 15.56 -34.12
N LEU A 258 17.01 15.19 -32.86
CA LEU A 258 17.66 15.87 -31.75
C LEU A 258 19.04 15.29 -31.52
N PRO A 259 20.01 16.14 -31.21
CA PRO A 259 21.41 15.70 -31.16
C PRO A 259 21.82 15.01 -29.87
N GLY A 260 20.90 14.72 -28.95
CA GLY A 260 21.29 14.19 -27.68
C GLY A 260 21.52 12.70 -27.69
N LYS A 261 22.19 12.23 -26.64
CA LYS A 261 22.40 10.81 -26.43
C LYS A 261 21.10 10.14 -25.99
N PRO A 262 20.78 8.96 -26.54
CA PRO A 262 19.52 8.28 -26.15
C PRO A 262 19.63 7.55 -24.82
N LEU A 263 18.57 7.66 -24.02
CA LEU A 263 18.43 6.89 -22.78
C LEU A 263 17.05 6.26 -22.78
N GLU A 264 17.01 4.92 -22.70
CA GLU A 264 15.78 4.15 -22.76
C GLU A 264 15.35 3.79 -21.34
N TYR A 265 14.12 4.19 -20.98
CA TYR A 265 13.52 3.83 -19.69
C TYR A 265 12.59 2.65 -19.95
N GLN A 266 12.87 1.53 -19.29
CA GLN A 266 12.18 0.28 -19.54
C GLN A 266 11.20 -0.01 -18.40
N ALA A 267 9.97 -0.38 -18.75
CA ALA A 267 8.90 -0.59 -17.79
C ALA A 267 8.83 -2.06 -17.37
N GLN A 268 8.37 -2.29 -16.15
CA GLN A 268 8.17 -3.62 -15.59
C GLN A 268 6.67 -3.87 -15.45
N VAL A 269 6.20 -4.98 -16.02
CA VAL A 269 4.79 -5.33 -16.01
C VAL A 269 4.64 -6.71 -15.38
N LYS A 270 3.67 -6.84 -14.48
CA LYS A 270 3.40 -8.08 -13.76
C LYS A 270 1.97 -8.51 -14.02
N GLY A 271 1.72 -9.82 -13.94
CA GLY A 271 0.35 -10.29 -14.03
C GLY A 271 -0.16 -10.22 -15.46
N GLU A 272 -1.41 -9.78 -15.60
CA GLU A 272 -2.02 -9.56 -16.89
C GLU A 272 -2.21 -8.05 -17.08
N PHE A 273 -1.42 -7.47 -17.99
CA PHE A 273 -1.48 -6.04 -18.28
C PHE A 273 -1.17 -5.88 -19.77
N ALA A 274 -2.22 -5.78 -20.59
CA ALA A 274 -2.00 -5.87 -22.02
C ALA A 274 -1.26 -4.64 -22.54
N GLU A 275 -0.53 -4.84 -23.64
CA GLU A 275 0.15 -3.74 -24.30
C GLU A 275 -0.83 -2.65 -24.73
N THR A 276 -2.07 -3.02 -25.08
CA THR A 276 -3.06 -2.01 -25.43
C THR A 276 -3.38 -1.07 -24.26
N ASP A 277 -3.12 -1.47 -23.01
CA ASP A 277 -3.49 -0.67 -21.85
C ASP A 277 -2.35 0.20 -21.34
N PHE A 278 -1.22 0.25 -22.06
CA PHE A 278 -0.04 0.95 -21.55
C PHE A 278 -0.27 2.46 -21.54
N PRO A 279 -0.07 3.14 -20.42
CA PRO A 279 -0.20 4.61 -20.42
C PRO A 279 0.93 5.29 -21.16
N THR A 280 2.07 4.65 -21.27
CA THR A 280 3.16 5.08 -22.13
C THR A 280 3.89 3.83 -22.57
N GLU A 281 4.94 3.99 -23.36
CA GLU A 281 5.56 2.82 -23.94
C GLU A 281 6.56 2.16 -22.99
N ALA A 282 6.56 0.82 -23.02
CA ALA A 282 7.43 0.04 -22.16
C ALA A 282 8.91 0.20 -22.51
N ALA A 283 9.21 0.68 -23.71
CA ALA A 283 10.56 0.75 -24.24
C ALA A 283 10.90 2.20 -24.58
N LEU A 284 10.54 3.10 -23.68
CA LEU A 284 10.44 4.53 -23.96
C LEU A 284 11.82 5.18 -24.02
N THR A 285 12.15 5.77 -25.16
CA THR A 285 13.42 6.43 -25.41
C THR A 285 13.27 7.95 -25.33
N LEU A 286 14.26 8.63 -24.75
CA LEU A 286 14.27 10.09 -24.75
C LEU A 286 15.68 10.64 -24.87
N LYS A 287 15.80 11.71 -25.63
CA LYS A 287 16.97 12.57 -25.66
C LYS A 287 16.62 13.87 -24.96
N LYS A 288 17.64 14.67 -24.67
CA LYS A 288 17.46 15.93 -23.97
C LYS A 288 16.97 17.01 -24.93
N GLY A 289 16.14 17.90 -24.41
CA GLY A 289 15.49 18.92 -25.21
C GLY A 289 14.17 18.50 -25.81
N ALA A 290 13.69 17.31 -25.48
CA ALA A 290 12.44 16.79 -26.03
C ALA A 290 11.23 17.32 -25.28
N GLN A 291 10.18 17.68 -26.03
CA GLN A 291 8.93 18.11 -25.45
C GLN A 291 8.20 16.92 -24.86
N VAL A 292 7.74 17.05 -23.60
CA VAL A 292 7.08 15.96 -22.91
C VAL A 292 5.92 16.48 -22.07
N ILE A 293 4.99 15.57 -21.77
CA ILE A 293 3.87 15.81 -20.87
C ILE A 293 3.96 14.82 -19.72
N LEU A 294 3.63 15.27 -18.51
CA LEU A 294 3.67 14.40 -17.35
C LEU A 294 2.31 13.74 -17.11
N LEU A 295 2.34 12.52 -16.57
CA LEU A 295 1.15 11.68 -16.52
C LEU A 295 0.58 11.49 -15.13
N ARG A 296 1.31 11.88 -14.08
CA ARG A 296 0.90 11.62 -12.72
C ARG A 296 1.27 12.80 -11.84
N ASN A 297 0.46 13.07 -10.83
CA ASN A 297 0.71 14.19 -9.94
C ASN A 297 1.85 13.89 -8.98
N ASP A 298 2.61 14.93 -8.63
CA ASP A 298 3.73 14.77 -7.71
C ASP A 298 3.18 14.50 -6.32
N PRO A 299 3.69 13.47 -5.63
CA PRO A 299 3.30 13.30 -4.23
C PRO A 299 3.57 14.53 -3.38
N LEU A 300 4.57 15.33 -3.70
CA LEU A 300 4.83 16.59 -3.00
C LEU A 300 4.63 17.81 -3.90
N GLY A 301 3.69 17.72 -4.84
CA GLY A 301 3.14 18.87 -5.51
C GLY A 301 4.11 19.72 -6.30
N GLU A 302 5.31 19.21 -6.62
CA GLU A 302 6.21 20.00 -7.44
C GLU A 302 5.81 19.97 -8.91
N TYR A 303 5.13 18.91 -9.37
CA TYR A 303 4.59 18.82 -10.72
C TYR A 303 3.20 18.19 -10.66
N PHE A 304 2.53 18.09 -11.81
CA PHE A 304 1.16 17.58 -11.81
C PHE A 304 0.92 16.76 -13.08
N ASN A 305 -0.22 16.05 -13.09
CA ASN A 305 -0.67 15.39 -14.31
C ASN A 305 -1.05 16.43 -15.34
N GLY A 306 -0.55 16.27 -16.57
CA GLY A 306 -0.79 17.23 -17.62
C GLY A 306 0.19 18.39 -17.67
N ASP A 307 1.14 18.46 -16.75
CA ASP A 307 2.12 19.52 -16.78
C ASP A 307 3.07 19.28 -17.95
N LEU A 308 3.32 20.34 -18.73
CA LEU A 308 4.17 20.30 -19.91
C LEU A 308 5.55 20.84 -19.57
N GLY A 309 6.55 20.38 -20.30
CA GLY A 309 7.91 20.82 -20.04
C GLY A 309 8.87 20.20 -21.04
N TRP A 310 10.16 20.36 -20.74
CA TRP A 310 11.25 19.92 -21.61
C TRP A 310 12.24 19.08 -20.79
N VAL A 311 12.58 17.89 -21.28
CA VAL A 311 13.56 17.05 -20.57
C VAL A 311 14.88 17.79 -20.47
N GLU A 312 15.49 17.80 -19.28
CA GLU A 312 16.63 18.69 -19.11
C GLU A 312 17.93 17.94 -18.83
N ASP A 313 17.97 16.95 -17.95
CA ASP A 313 19.08 16.00 -17.96
C ASP A 313 18.57 14.65 -17.44
N LEU A 314 19.10 13.58 -18.03
CA LEU A 314 18.51 12.25 -17.94
C LEU A 314 19.60 11.28 -17.50
N GLU A 315 19.33 10.55 -16.42
CA GLU A 315 20.24 9.57 -15.86
C GLU A 315 19.43 8.32 -15.54
N ALA A 316 20.15 7.25 -15.20
CA ALA A 316 19.61 5.89 -15.30
C ALA A 316 18.16 5.74 -14.84
N GLU A 317 17.84 6.20 -13.63
CA GLU A 317 16.47 6.04 -13.16
C GLU A 317 15.85 7.33 -12.66
N ALA A 318 16.56 8.46 -12.76
CA ALA A 318 16.10 9.74 -12.27
C ALA A 318 16.09 10.69 -13.45
N LEU A 319 14.92 11.21 -13.80
CA LEU A 319 14.79 12.14 -14.91
C LEU A 319 14.36 13.48 -14.36
N ALA A 320 14.91 14.55 -14.94
CA ALA A 320 14.59 15.91 -14.56
C ALA A 320 14.14 16.67 -15.79
N VAL A 321 13.10 17.48 -15.63
CA VAL A 321 12.47 18.19 -16.74
C VAL A 321 12.19 19.60 -16.27
N ARG A 322 12.41 20.56 -17.16
CA ARG A 322 12.11 21.96 -16.91
C ARG A 322 10.65 22.21 -17.28
N LEU A 323 9.85 22.57 -16.28
CA LEU A 323 8.41 22.71 -16.47
C LEU A 323 8.07 24.02 -17.15
N LYS A 324 7.13 23.97 -18.08
CA LYS A 324 6.68 25.19 -18.75
C LYS A 324 5.68 25.98 -17.92
N ARG A 325 5.04 25.35 -16.93
CA ARG A 325 4.08 26.06 -16.09
C ARG A 325 4.78 27.16 -15.27
N ASN A 326 5.88 26.81 -14.60
CA ASN A 326 6.51 27.71 -13.63
C ASN A 326 8.02 27.89 -13.82
N GLY A 327 8.62 27.19 -14.77
CA GLY A 327 10.03 27.35 -15.05
C GLY A 327 10.95 26.67 -14.06
N ARG A 328 10.44 25.73 -13.27
CA ARG A 328 11.23 25.03 -12.28
C ARG A 328 11.64 23.65 -12.78
N ARG A 329 12.82 23.20 -12.37
CA ARG A 329 13.33 21.89 -12.72
C ARG A 329 12.78 20.88 -11.71
N VAL A 330 12.11 19.84 -12.18
CA VAL A 330 11.51 18.83 -11.30
C VAL A 330 12.10 17.47 -11.67
N VAL A 331 12.28 16.63 -10.64
CA VAL A 331 12.84 15.28 -10.77
C VAL A 331 11.72 14.26 -10.71
N ILE A 332 11.60 13.44 -11.75
CA ILE A 332 10.46 12.56 -11.96
C ILE A 332 10.88 11.12 -11.66
N ARG A 333 10.48 10.58 -10.49
CA ARG A 333 10.81 9.15 -10.19
C ARG A 333 9.55 8.38 -10.62
N PRO A 334 9.56 7.07 -11.35
CA PRO A 334 8.55 6.22 -11.98
C PRO A 334 7.40 5.84 -11.04
N PHE A 335 6.19 5.81 -11.60
CA PHE A 335 4.96 5.45 -10.90
C PHE A 335 4.46 4.07 -11.31
N VAL A 336 3.51 3.55 -10.54
CA VAL A 336 2.90 2.24 -10.78
C VAL A 336 1.46 2.43 -11.20
N TRP A 337 1.05 1.69 -12.24
CA TRP A 337 -0.31 1.65 -12.75
C TRP A 337 -0.89 0.26 -12.53
N GLU A 338 -2.19 0.18 -12.23
CA GLU A 338 -2.86 -1.09 -11.99
C GLU A 338 -3.92 -1.32 -13.06
N LYS A 339 -4.01 -2.56 -13.53
CA LYS A 339 -5.08 -2.97 -14.43
C LYS A 339 -6.21 -3.52 -13.59
N ILE A 340 -7.43 -2.99 -13.80
CA ILE A 340 -8.60 -3.37 -13.01
C ILE A 340 -9.61 -4.10 -13.89
N VAL A 341 -10.17 -5.18 -13.36
CA VAL A 341 -11.18 -5.99 -14.02
C VAL A 341 -12.36 -6.16 -13.06
N TYR A 342 -13.57 -6.04 -13.58
CA TYR A 342 -14.78 -6.15 -12.76
C TYR A 342 -15.47 -7.48 -13.06
N THR A 343 -15.72 -8.28 -12.03
CA THR A 343 -16.38 -9.56 -12.17
C THR A 343 -17.47 -9.71 -11.11
N TYR A 344 -18.54 -10.41 -11.47
CA TYR A 344 -19.68 -10.55 -10.57
C TYR A 344 -19.32 -11.48 -9.42
N ASP A 345 -19.48 -11.00 -8.19
CA ASP A 345 -19.36 -11.82 -6.99
C ASP A 345 -20.74 -12.34 -6.62
N SER A 346 -20.88 -13.67 -6.54
CA SER A 346 -22.19 -14.25 -6.27
C SER A 346 -22.51 -14.42 -4.79
N GLU A 347 -21.54 -14.27 -3.90
CA GLU A 347 -21.84 -14.37 -2.48
C GLU A 347 -22.42 -13.06 -1.97
N ARG A 348 -21.69 -11.97 -2.18
CA ARG A 348 -22.15 -10.63 -1.82
C ARG A 348 -23.09 -10.00 -2.85
N GLU A 349 -23.25 -10.62 -4.01
CA GLU A 349 -24.24 -10.19 -5.02
C GLU A 349 -24.01 -8.74 -5.45
N GLU A 350 -22.83 -8.51 -6.01
CA GLU A 350 -22.43 -7.24 -6.59
C GLU A 350 -21.16 -7.45 -7.43
N ILE A 351 -20.93 -6.56 -8.40
CA ILE A 351 -19.68 -6.61 -9.15
C ILE A 351 -18.55 -6.02 -8.31
N LYS A 352 -17.38 -6.66 -8.38
CA LYS A 352 -16.26 -6.20 -7.58
C LYS A 352 -15.06 -6.02 -8.48
N PRO A 353 -14.28 -4.97 -8.23
CA PRO A 353 -13.04 -4.74 -8.99
C PRO A 353 -11.89 -5.61 -8.51
N GLN A 354 -11.05 -6.03 -9.44
CA GLN A 354 -9.96 -6.94 -9.18
C GLN A 354 -8.70 -6.43 -9.86
N VAL A 355 -7.60 -6.36 -9.13
CA VAL A 355 -6.30 -6.09 -9.76
C VAL A 355 -5.80 -7.38 -10.37
N VAL A 356 -5.40 -7.32 -11.64
CA VAL A 356 -4.90 -8.50 -12.35
C VAL A 356 -3.50 -8.30 -12.92
N GLY A 357 -2.99 -7.07 -12.95
CA GLY A 357 -1.64 -6.81 -13.43
C GLY A 357 -1.22 -5.42 -13.00
N THR A 358 0.06 -5.13 -13.22
CA THR A 358 0.66 -3.86 -12.83
C THR A 358 1.67 -3.43 -13.88
N PHE A 359 1.97 -2.13 -13.88
CA PHE A 359 2.83 -1.52 -14.90
C PHE A 359 3.55 -0.34 -14.24
N ARG A 360 4.86 -0.43 -14.03
CA ARG A 360 5.62 0.67 -13.47
C ARG A 360 6.56 1.23 -14.53
N GLN A 361 6.55 2.55 -14.68
CA GLN A 361 7.30 3.25 -15.72
C GLN A 361 7.37 4.71 -15.31
N VAL A 362 8.36 5.42 -15.87
CA VAL A 362 8.38 6.86 -15.60
C VAL A 362 7.11 7.49 -16.15
N PRO A 363 6.48 8.43 -15.45
CA PRO A 363 5.16 8.96 -15.86
C PRO A 363 5.29 10.08 -16.88
N VAL A 364 5.77 9.74 -18.07
CA VAL A 364 6.05 10.74 -19.09
C VAL A 364 5.85 10.12 -20.47
N ARG A 365 5.46 10.96 -21.42
CA ARG A 365 5.49 10.62 -22.83
C ARG A 365 5.80 11.87 -23.62
N LEU A 366 6.44 11.69 -24.78
CA LEU A 366 6.77 12.82 -25.61
C LEU A 366 5.50 13.54 -26.07
N ALA A 367 5.60 14.87 -26.20
CA ALA A 367 4.44 15.75 -26.33
C ALA A 367 4.51 16.64 -27.56
N TRP A 368 5.21 16.21 -28.61
CA TRP A 368 4.98 16.82 -29.92
C TRP A 368 3.65 16.39 -30.51
N ALA A 369 3.22 15.17 -30.18
CA ALA A 369 1.92 14.65 -30.59
C ALA A 369 1.19 14.17 -29.34
N LEU A 370 -0.09 14.50 -29.25
CA LEU A 370 -0.92 14.19 -28.09
C LEU A 370 -2.29 13.73 -28.56
N THR A 371 -2.98 13.01 -27.66
CA THR A 371 -4.37 12.65 -27.91
C THR A 371 -5.26 13.90 -27.76
N VAL A 372 -6.40 13.88 -28.46
CA VAL A 372 -7.32 15.02 -28.39
C VAL A 372 -7.74 15.26 -26.95
N HIS A 373 -7.89 14.19 -26.17
CA HIS A 373 -8.33 14.30 -24.79
C HIS A 373 -7.41 15.19 -23.97
N LYS A 374 -6.09 15.09 -24.21
CA LYS A 374 -5.16 15.92 -23.45
C LYS A 374 -5.13 17.37 -23.93
N ALA A 375 -5.77 17.68 -25.07
CA ALA A 375 -5.80 19.03 -25.60
C ALA A 375 -7.03 19.83 -25.20
N GLN A 376 -8.09 19.16 -24.76
CA GLN A 376 -9.33 19.87 -24.50
C GLN A 376 -9.18 20.85 -23.35
N GLY A 377 -9.46 22.13 -23.62
CA GLY A 377 -9.30 23.21 -22.68
C GLY A 377 -8.28 24.25 -23.12
N LEU A 378 -7.28 23.83 -23.90
CA LEU A 378 -6.18 24.71 -24.24
C LEU A 378 -6.53 25.59 -25.44
N THR A 379 -5.91 26.77 -25.49
CA THR A 379 -5.83 27.55 -26.72
C THR A 379 -4.45 27.32 -27.29
N LEU A 380 -4.39 26.92 -28.56
CA LEU A 380 -3.13 26.60 -29.21
C LEU A 380 -2.82 27.59 -30.32
N ASP A 381 -1.53 27.87 -30.52
CA ASP A 381 -1.10 28.76 -31.59
C ASP A 381 -1.38 28.13 -32.96
N LYS A 382 -0.88 26.92 -33.17
CA LYS A 382 -1.16 26.17 -34.38
C LYS A 382 -1.31 24.69 -34.00
N VAL A 383 -2.12 23.98 -34.77
CA VAL A 383 -2.34 22.55 -34.49
C VAL A 383 -2.60 21.83 -35.81
N HIS A 384 -2.04 20.61 -35.91
CA HIS A 384 -2.24 19.72 -37.05
C HIS A 384 -2.88 18.44 -36.52
N LEU A 385 -4.00 18.06 -37.13
CA LEU A 385 -4.75 16.89 -36.68
C LEU A 385 -4.41 15.70 -37.57
N GLU A 386 -3.68 14.74 -37.02
CA GLU A 386 -3.42 13.48 -37.69
C GLU A 386 -4.57 12.52 -37.42
N LEU A 387 -5.28 12.13 -38.50
CA LEU A 387 -6.56 11.43 -38.36
C LEU A 387 -6.38 9.97 -37.95
N GLY A 388 -5.23 9.37 -38.27
CA GLY A 388 -4.95 8.00 -37.87
C GLY A 388 -5.98 7.02 -38.41
N ARG A 389 -6.27 6.00 -37.61
CA ARG A 389 -7.28 5.00 -37.93
C ARG A 389 -8.70 5.52 -37.75
N GLY A 390 -8.89 6.81 -37.47
CA GLY A 390 -10.21 7.40 -37.47
C GLY A 390 -10.65 7.89 -36.09
N LEU A 391 -11.75 8.63 -36.09
CA LEU A 391 -12.36 9.12 -34.86
C LEU A 391 -13.29 8.06 -34.27
N PHE A 392 -13.34 8.02 -32.93
CA PHE A 392 -14.20 7.09 -32.23
C PHE A 392 -15.04 7.74 -31.14
N ALA A 393 -14.76 8.97 -30.74
CA ALA A 393 -15.45 9.57 -29.61
C ALA A 393 -16.29 10.76 -30.05
N HIS A 394 -17.50 10.84 -29.52
CA HIS A 394 -18.31 12.01 -29.71
C HIS A 394 -17.56 13.22 -29.18
N GLY A 395 -17.48 14.26 -30.01
CA GLY A 395 -16.83 15.51 -29.67
C GLY A 395 -15.36 15.56 -30.02
N GLN A 396 -14.80 14.46 -30.50
CA GLN A 396 -13.37 14.43 -30.79
C GLN A 396 -13.01 15.39 -31.91
N LEU A 397 -13.66 15.28 -33.08
CA LEU A 397 -13.33 16.18 -34.19
C LEU A 397 -13.45 17.64 -33.77
N TYR A 398 -14.54 17.98 -33.09
CA TYR A 398 -14.84 19.37 -32.74
C TYR A 398 -13.76 19.97 -31.85
N VAL A 399 -13.31 19.23 -30.84
CA VAL A 399 -12.31 19.76 -29.92
C VAL A 399 -11.01 20.04 -30.65
N ALA A 400 -10.62 19.14 -31.56
CA ALA A 400 -9.39 19.34 -32.32
C ALA A 400 -9.46 20.62 -33.14
N LEU A 401 -10.57 20.83 -33.85
CA LEU A 401 -10.65 21.95 -34.75
C LEU A 401 -10.81 23.29 -34.03
N THR A 402 -11.21 23.29 -32.76
CA THR A 402 -11.53 24.54 -32.09
C THR A 402 -10.40 25.09 -31.23
N ARG A 403 -9.19 24.56 -31.35
CA ARG A 403 -8.14 24.95 -30.43
C ARG A 403 -7.45 26.27 -30.83
N VAL A 404 -7.56 26.69 -32.09
CA VAL A 404 -6.77 27.82 -32.61
C VAL A 404 -7.62 29.07 -32.73
N ARG A 405 -6.95 30.21 -32.89
CA ARG A 405 -7.63 31.49 -33.07
C ARG A 405 -7.99 31.78 -34.52
N ARG A 406 -7.29 31.18 -35.48
CA ARG A 406 -7.42 31.53 -36.89
C ARG A 406 -7.49 30.29 -37.75
N LEU A 407 -8.22 30.41 -38.87
CA LEU A 407 -8.28 29.35 -39.88
C LEU A 407 -6.89 28.95 -40.34
N GLN A 408 -6.04 29.93 -40.64
CA GLN A 408 -4.68 29.68 -41.13
C GLN A 408 -3.85 28.88 -40.14
N ASP A 409 -4.21 28.89 -38.85
CA ASP A 409 -3.46 28.15 -37.85
C ASP A 409 -3.84 26.69 -37.78
N LEU A 410 -4.77 26.24 -38.62
CA LEU A 410 -5.31 24.89 -38.55
C LEU A 410 -4.97 24.11 -39.82
N SER A 411 -4.60 22.85 -39.64
CA SER A 411 -4.31 21.95 -40.76
C SER A 411 -4.80 20.55 -40.42
N LEU A 412 -5.17 19.80 -41.47
CA LEU A 412 -5.75 18.47 -41.33
C LEU A 412 -4.87 17.47 -42.08
N SER A 413 -4.88 16.22 -41.59
CA SER A 413 -4.09 15.14 -42.19
C SER A 413 -4.69 14.64 -43.49
N ARG A 414 -6.01 14.65 -43.59
CA ARG A 414 -6.72 14.11 -44.74
C ARG A 414 -8.13 14.63 -44.68
N PRO A 415 -8.83 14.66 -45.81
CA PRO A 415 -10.22 15.14 -45.77
C PRO A 415 -11.10 14.19 -44.97
N ILE A 416 -11.99 14.78 -44.19
CA ILE A 416 -12.93 14.05 -43.35
C ILE A 416 -14.25 13.94 -44.09
N ALA A 417 -14.89 12.76 -43.97
CA ALA A 417 -16.14 12.53 -44.67
C ALA A 417 -17.31 12.63 -43.70
N PRO A 418 -18.51 12.92 -44.20
CA PRO A 418 -19.67 12.98 -43.28
C PRO A 418 -19.96 11.65 -42.59
N THR A 419 -19.45 10.54 -43.11
CA THR A 419 -19.70 9.23 -42.52
C THR A 419 -19.09 9.07 -41.13
N GLU A 420 -18.08 9.87 -40.76
CA GLU A 420 -17.41 9.70 -39.47
C GLU A 420 -17.83 10.73 -38.42
N LEU A 421 -18.85 11.54 -38.71
CA LEU A 421 -19.45 12.37 -37.67
C LEU A 421 -20.21 11.48 -36.70
N LEU A 422 -20.03 11.73 -35.40
CA LEU A 422 -20.64 10.91 -34.37
C LEU A 422 -21.58 11.76 -33.52
N TRP A 423 -22.65 11.14 -33.04
CA TRP A 423 -23.70 11.85 -32.32
C TRP A 423 -24.27 10.95 -31.22
N ARG A 424 -24.64 11.56 -30.11
CA ARG A 424 -25.15 10.78 -28.99
C ARG A 424 -26.57 11.23 -28.71
N PRO A 425 -27.57 10.34 -28.74
CA PRO A 425 -28.93 10.80 -28.51
C PRO A 425 -29.11 11.52 -27.18
N GLU A 426 -28.38 11.13 -26.14
CA GLU A 426 -28.56 11.77 -24.84
C GLU A 426 -28.15 13.23 -24.90
N VAL A 427 -27.04 13.54 -25.58
CA VAL A 427 -26.60 14.94 -25.70
C VAL A 427 -27.66 15.77 -26.44
N GLU A 428 -28.29 15.18 -27.46
CA GLU A 428 -29.34 15.92 -28.17
C GLU A 428 -30.52 16.21 -27.25
N VAL A 429 -30.88 15.27 -26.37
CA VAL A 429 -31.98 15.52 -25.45
C VAL A 429 -31.59 16.61 -24.46
N PHE A 430 -30.37 16.55 -23.94
CA PHE A 430 -29.89 17.57 -23.02
C PHE A 430 -29.87 18.95 -23.68
N GLU A 431 -29.15 19.07 -24.80
CA GLU A 431 -28.99 20.37 -25.46
C GLU A 431 -30.33 20.97 -25.86
N THR A 432 -31.32 20.13 -26.19
CA THR A 432 -32.63 20.64 -26.53
C THR A 432 -33.34 21.21 -25.30
N ARG A 433 -33.28 20.49 -24.18
CA ARG A 433 -34.05 20.89 -23.00
C ARG A 433 -33.48 22.14 -22.36
N ILE A 434 -32.15 22.33 -22.41
CA ILE A 434 -31.56 23.47 -21.69
C ILE A 434 -31.65 24.77 -22.46
N GLN A 435 -32.29 24.79 -23.62
CA GLN A 435 -32.62 26.07 -24.22
C GLN A 435 -33.70 26.78 -23.43
N GLU A 436 -34.59 26.01 -22.78
CA GLU A 436 -35.57 26.58 -21.86
C GLU A 436 -34.92 27.30 -20.69
N GLY A 437 -33.67 26.99 -20.38
CA GLY A 437 -32.92 27.75 -19.39
C GLY A 437 -32.48 26.96 -18.18
N ILE A 438 -33.10 25.83 -17.87
CA ILE A 438 -32.71 25.01 -16.73
C ILE A 438 -32.69 23.54 -17.11
N TRP A 439 -32.13 22.72 -16.23
CA TRP A 439 -32.12 21.26 -16.34
C TRP A 439 -32.65 20.68 -15.04
N GLN A 440 -33.92 20.29 -15.01
CA GLN A 440 -34.53 19.65 -13.86
C GLN A 440 -35.17 18.34 -14.33
N LYS A 441 -34.72 17.23 -13.77
CA LYS A 441 -35.25 15.93 -14.16
C LYS A 441 -36.30 15.45 -13.14
N SER A 442 -37.33 14.77 -13.64
CA SER A 442 -38.36 14.21 -12.77
C SER A 442 -38.04 12.76 -12.38
N HIS A 443 -37.66 11.94 -13.36
CA HIS A 443 -37.24 10.56 -13.17
C HIS A 443 -35.78 10.41 -13.58
N GLY A 444 -35.25 9.21 -13.35
CA GLY A 444 -33.95 8.87 -13.88
C GLY A 444 -34.01 8.58 -15.37
N TRP A 445 -32.84 8.33 -15.94
CA TRP A 445 -32.83 7.91 -17.33
C TRP A 445 -33.13 6.41 -17.42
N PRO A 446 -33.85 5.97 -18.46
CA PRO A 446 -34.07 4.53 -18.62
C PRO A 446 -32.79 3.82 -19.00
N SER A 447 -32.66 2.59 -18.50
CA SER A 447 -31.54 1.71 -18.80
C SER A 447 -31.96 0.67 -19.83
N LEU A 448 -31.14 0.47 -20.85
CA LEU A 448 -31.40 -0.58 -21.86
C LEU A 448 -30.36 -1.69 -21.82
N GLU B 7 30.12 -20.42 40.86
CA GLU B 7 29.83 -21.01 39.54
C GLU B 7 28.39 -21.52 39.44
N GLY B 8 27.46 -20.78 40.06
CA GLY B 8 26.04 -21.07 40.03
C GLY B 8 25.23 -19.81 39.73
N LEU B 9 24.06 -19.73 40.34
CA LEU B 9 23.17 -18.59 40.10
C LEU B 9 23.78 -17.30 40.66
N SER B 10 23.56 -16.20 39.95
CA SER B 10 23.92 -14.91 40.51
C SER B 10 23.01 -14.60 41.70
N SER B 11 23.47 -13.70 42.57
CA SER B 11 22.67 -13.36 43.75
C SER B 11 21.33 -12.77 43.35
N GLU B 12 21.26 -12.01 42.26
CA GLU B 12 19.95 -11.50 41.91
C GLU B 12 19.11 -12.58 41.24
N GLN B 13 19.76 -13.55 40.60
CA GLN B 13 19.04 -14.74 40.15
C GLN B 13 18.52 -15.54 41.33
N GLN B 14 19.30 -15.68 42.41
CA GLN B 14 18.79 -16.34 43.61
C GLN B 14 17.64 -15.56 44.25
N ARG B 15 17.75 -14.23 44.34
CA ARG B 15 16.67 -13.44 44.95
C ARG B 15 15.36 -13.63 44.21
N ALA B 16 15.43 -13.69 42.88
CA ALA B 16 14.22 -13.90 42.08
C ALA B 16 13.70 -15.33 42.25
N PHE B 17 14.61 -16.30 42.29
CA PHE B 17 14.22 -17.69 42.53
C PHE B 17 13.42 -17.80 43.82
N LEU B 18 13.99 -17.31 44.92
CA LEU B 18 13.30 -17.36 46.22
C LEU B 18 11.97 -16.60 46.21
N ALA B 19 11.88 -15.51 45.45
CA ALA B 19 10.64 -14.72 45.44
C ALA B 19 9.50 -15.45 44.73
N VAL B 20 9.79 -16.14 43.61
CA VAL B 20 8.71 -16.84 42.91
C VAL B 20 8.40 -18.20 43.52
N THR B 21 9.30 -18.78 44.34
CA THR B 21 9.04 -20.11 44.89
C THR B 21 8.58 -20.09 46.35
N GLN B 22 8.92 -19.05 47.12
CA GLN B 22 8.61 -19.01 48.55
C GLN B 22 7.49 -18.02 48.89
N THR B 23 6.55 -17.82 47.98
CA THR B 23 5.45 -16.91 48.20
C THR B 23 4.15 -17.58 47.83
N PRO B 24 3.02 -17.10 48.38
CA PRO B 24 1.72 -17.66 48.02
C PRO B 24 1.12 -17.07 46.76
N HIS B 25 1.83 -16.15 46.06
CA HIS B 25 1.19 -15.44 44.96
C HIS B 25 1.14 -16.31 43.72
N PRO B 26 0.02 -16.29 43.01
CA PRO B 26 -0.19 -17.20 41.89
C PRO B 26 0.38 -16.76 40.55
N ALA B 27 0.80 -15.50 40.39
CA ALA B 27 1.30 -15.02 39.10
C ALA B 27 2.55 -14.17 39.26
N HIS B 28 3.59 -14.50 38.49
CA HIS B 28 4.88 -13.83 38.60
C HIS B 28 5.45 -13.55 37.21
N LEU B 29 6.25 -12.49 37.12
CA LEU B 29 6.99 -12.13 35.92
C LEU B 29 8.43 -11.85 36.32
N ILE B 30 9.36 -12.57 35.71
CA ILE B 30 10.79 -12.32 35.81
C ILE B 30 11.20 -11.65 34.51
N THR B 31 11.64 -10.40 34.61
CA THR B 31 11.97 -9.64 33.43
C THR B 31 13.27 -8.88 33.63
N GLY B 32 13.92 -8.58 32.52
CA GLY B 32 15.20 -7.93 32.50
C GLY B 32 15.80 -7.91 31.11
N PRO B 33 16.84 -7.11 30.92
CA PRO B 33 17.48 -6.99 29.60
C PRO B 33 17.98 -8.33 29.10
N ALA B 34 18.37 -8.33 27.83
CA ALA B 34 18.83 -9.56 27.20
C ALA B 34 20.03 -10.13 27.93
N GLY B 35 20.08 -11.46 27.99
CA GLY B 35 21.22 -12.13 28.57
C GLY B 35 21.37 -12.01 30.07
N THR B 36 20.29 -11.66 30.79
CA THR B 36 20.43 -11.50 32.23
C THR B 36 20.33 -12.83 32.96
N GLY B 37 20.00 -13.91 32.26
CA GLY B 37 19.94 -15.21 32.88
C GLY B 37 18.53 -15.62 33.24
N LYS B 38 17.53 -15.11 32.53
CA LYS B 38 16.15 -15.46 32.80
C LYS B 38 15.90 -16.93 32.51
N THR B 39 16.32 -17.39 31.32
CA THR B 39 16.13 -18.80 31.00
C THR B 39 17.01 -19.69 31.87
N THR B 40 18.21 -19.23 32.24
CA THR B 40 19.03 -20.00 33.17
C THR B 40 18.30 -20.18 34.50
N LEU B 41 17.67 -19.12 35.00
CA LEU B 41 16.82 -19.24 36.18
C LEU B 41 15.69 -20.23 35.94
N LEU B 42 15.10 -20.19 34.74
CA LEU B 42 14.06 -21.13 34.40
C LEU B 42 14.52 -22.58 34.59
N TYR B 43 15.75 -22.91 34.16
CA TYR B 43 16.26 -24.27 34.39
C TYR B 43 16.24 -24.62 35.87
N ALA B 44 16.57 -23.66 36.74
CA ALA B 44 16.51 -23.94 38.17
C ALA B 44 15.08 -24.17 38.63
N LEU B 45 14.13 -23.43 38.05
CA LEU B 45 12.74 -23.60 38.44
C LEU B 45 12.24 -24.99 38.03
N GLN B 46 12.65 -25.44 36.84
CA GLN B 46 12.30 -26.78 36.40
C GLN B 46 12.81 -27.86 37.37
N LYS B 47 14.07 -27.75 37.80
CA LYS B 47 14.57 -28.73 38.75
C LYS B 47 13.81 -28.64 40.07
N PHE B 48 13.43 -27.43 40.46
CA PHE B 48 12.75 -27.25 41.75
C PHE B 48 11.38 -27.89 41.75
N TYR B 49 10.63 -27.73 40.66
CA TYR B 49 9.30 -28.31 40.58
C TYR B 49 9.36 -29.74 40.07
N LYS B 50 10.53 -30.38 40.16
CA LYS B 50 10.68 -31.83 39.98
C LYS B 50 10.13 -32.30 38.63
N GLY B 51 10.25 -31.46 37.62
CA GLY B 51 9.76 -31.85 36.32
C GLY B 51 8.26 -31.95 36.20
N ARG B 52 7.51 -31.58 37.25
CA ARG B 52 6.05 -31.61 37.21
C ARG B 52 5.44 -30.29 36.76
N ALA B 53 6.24 -29.24 36.59
CA ALA B 53 5.78 -28.03 35.95
C ALA B 53 5.75 -28.24 34.44
N VAL B 54 4.99 -27.40 33.75
CA VAL B 54 4.92 -27.45 32.28
C VAL B 54 5.55 -26.16 31.77
N THR B 55 6.55 -26.30 30.89
CA THR B 55 7.30 -25.17 30.36
C THR B 55 6.89 -24.91 28.91
N LEU B 56 6.37 -23.72 28.63
CA LEU B 56 5.97 -23.36 27.29
C LEU B 56 6.66 -22.07 26.86
N ALA B 57 6.69 -21.85 25.55
CA ALA B 57 7.31 -20.69 24.94
C ALA B 57 6.60 -20.43 23.61
N PRO B 58 6.59 -19.18 23.11
CA PRO B 58 5.78 -18.88 21.92
C PRO B 58 6.40 -19.37 20.61
N THR B 59 7.73 -19.44 20.52
CA THR B 59 8.39 -19.87 19.29
C THR B 59 9.11 -21.20 19.51
N GLY B 60 9.36 -21.92 18.40
CA GLY B 60 10.08 -23.18 18.50
C GLY B 60 11.48 -22.99 19.03
N THR B 61 12.13 -21.88 18.64
CA THR B 61 13.46 -21.59 19.15
C THR B 61 13.41 -21.42 20.67
N ALA B 62 12.46 -20.61 21.16
CA ALA B 62 12.39 -20.34 22.60
C ALA B 62 12.00 -21.60 23.37
N ALA B 63 11.12 -22.43 22.81
CA ALA B 63 10.74 -23.67 23.46
C ALA B 63 11.93 -24.61 23.57
N LEU B 64 12.68 -24.79 22.48
CA LEU B 64 13.85 -25.65 22.56
C LEU B 64 14.87 -25.08 23.54
N GLN B 65 14.99 -23.75 23.57
CA GLN B 65 15.95 -23.11 24.46
C GLN B 65 15.55 -23.28 25.92
N ALA B 66 14.24 -23.33 26.18
CA ALA B 66 13.71 -23.46 27.52
C ALA B 66 13.44 -24.91 27.92
N ARG B 67 13.88 -25.88 27.12
CA ARG B 67 13.62 -27.30 27.39
C ARG B 67 12.14 -27.55 27.59
N GLY B 68 11.31 -26.89 26.76
CA GLY B 68 9.87 -27.05 26.80
C GLY B 68 9.32 -27.25 25.40
N GLN B 69 8.07 -26.83 25.23
CA GLN B 69 7.42 -26.90 23.94
C GLN B 69 6.60 -25.63 23.73
N THR B 70 6.22 -25.40 22.47
CA THR B 70 5.45 -24.22 22.13
C THR B 70 4.09 -24.25 22.80
N VAL B 71 3.53 -23.06 23.05
CA VAL B 71 2.19 -22.98 23.60
C VAL B 71 1.19 -23.70 22.70
N HIS B 72 1.23 -23.40 21.40
CA HIS B 72 0.30 -23.99 20.44
C HIS B 72 0.34 -25.52 20.49
N SER B 73 1.55 -26.09 20.52
CA SER B 73 1.69 -27.55 20.51
C SER B 73 1.03 -28.18 21.74
N PHE B 74 1.13 -27.52 22.89
CA PHE B 74 0.65 -28.14 24.12
C PHE B 74 -0.87 -28.11 24.21
N PHE B 75 -1.47 -26.91 24.15
CA PHE B 75 -2.92 -26.76 24.10
C PHE B 75 -3.53 -27.15 22.75
N ARG B 76 -2.72 -27.50 21.76
CA ARG B 76 -3.21 -27.81 20.41
C ARG B 76 -4.07 -26.68 19.86
N PHE B 77 -3.64 -25.44 20.08
CA PHE B 77 -4.25 -24.30 19.43
C PHE B 77 -3.92 -24.28 17.94
N PRO B 78 -4.79 -23.69 17.12
CA PRO B 78 -4.48 -23.55 15.68
C PRO B 78 -3.62 -22.32 15.42
N ALA B 79 -3.01 -22.30 14.25
CA ALA B 79 -2.08 -21.24 13.87
C ALA B 79 -2.82 -20.09 13.18
N ARG B 80 -3.79 -19.54 13.93
CA ARG B 80 -4.59 -18.42 13.47
C ARG B 80 -4.95 -17.57 14.68
N LEU B 81 -5.80 -16.56 14.48
CA LEU B 81 -6.20 -15.72 15.60
C LEU B 81 -7.04 -16.56 16.54
N LEU B 82 -6.84 -16.38 17.84
CA LEU B 82 -7.58 -17.11 18.87
C LEU B 82 -8.58 -16.16 19.52
N ARG B 83 -9.81 -16.17 19.04
CA ARG B 83 -10.81 -15.21 19.47
C ARG B 83 -11.17 -15.42 20.93
N TYR B 84 -11.56 -14.34 21.59
CA TYR B 84 -11.71 -14.37 23.03
C TYR B 84 -12.71 -15.43 23.45
N ARG B 85 -12.20 -16.45 24.14
CA ARG B 85 -13.01 -17.52 24.72
C ARG B 85 -13.94 -18.14 23.68
N HIS B 86 -13.44 -18.26 22.44
CA HIS B 86 -14.26 -18.78 21.35
C HIS B 86 -14.14 -20.30 21.29
N PRO B 87 -15.24 -21.04 21.47
CA PRO B 87 -15.14 -22.51 21.55
C PRO B 87 -14.86 -23.20 20.23
N GLU B 88 -14.72 -22.47 19.14
CA GLU B 88 -14.25 -23.06 17.91
C GLU B 88 -12.78 -22.75 17.63
N ASP B 89 -12.17 -21.86 18.39
CA ASP B 89 -10.72 -21.66 18.41
C ASP B 89 -10.05 -22.29 19.63
N ILE B 90 -10.64 -22.14 20.80
CA ILE B 90 -10.14 -22.73 22.03
C ILE B 90 -11.03 -23.92 22.36
N ARG B 91 -10.60 -25.12 21.97
CA ARG B 91 -11.35 -26.35 22.22
C ARG B 91 -10.69 -27.18 23.30
N PRO B 92 -11.40 -27.56 24.36
CA PRO B 92 -10.77 -28.33 25.43
C PRO B 92 -10.60 -29.78 25.02
N PRO B 93 -9.69 -30.51 25.66
CA PRO B 93 -9.45 -31.90 25.27
C PRO B 93 -10.62 -32.79 25.67
N GLY B 94 -10.61 -34.00 25.11
CA GLY B 94 -11.69 -34.94 25.33
C GLY B 94 -11.64 -35.58 26.69
N PRO B 95 -12.64 -36.41 26.97
CA PRO B 95 -12.84 -36.87 28.36
C PRO B 95 -11.67 -37.65 28.93
N HIS B 96 -10.91 -38.35 28.09
CA HIS B 96 -9.76 -39.13 28.55
C HIS B 96 -8.55 -38.88 27.66
N SER B 97 -8.30 -37.60 27.35
CA SER B 97 -7.13 -37.21 26.58
C SER B 97 -5.93 -37.11 27.52
N PRO B 98 -4.76 -37.57 27.08
CA PRO B 98 -3.56 -37.30 27.87
C PRO B 98 -3.36 -35.82 28.15
N LEU B 99 -3.84 -34.95 27.24
CA LEU B 99 -3.74 -33.51 27.51
C LEU B 99 -4.68 -33.11 28.64
N ARG B 100 -5.87 -33.70 28.69
CA ARG B 100 -6.79 -33.39 29.78
C ARG B 100 -6.20 -33.78 31.12
N LYS B 101 -5.66 -35.00 31.21
CA LYS B 101 -5.00 -35.40 32.44
C LYS B 101 -3.82 -34.49 32.75
N ALA B 102 -3.11 -34.02 31.72
CA ALA B 102 -1.96 -33.13 31.92
C ALA B 102 -2.39 -31.81 32.51
N ILE B 103 -3.45 -31.21 31.97
CA ILE B 103 -3.94 -29.94 32.49
C ILE B 103 -4.57 -30.11 33.86
N GLU B 104 -5.22 -31.24 34.11
CA GLU B 104 -5.89 -31.40 35.40
C GLU B 104 -4.90 -31.57 36.54
N GLN B 105 -3.73 -32.17 36.29
CA GLN B 105 -2.74 -32.38 37.33
C GLN B 105 -1.64 -31.32 37.32
N MET B 106 -1.65 -30.43 36.34
CA MET B 106 -0.69 -29.34 36.28
C MET B 106 -0.77 -28.47 37.54
N GLU B 107 0.38 -28.06 38.04
CA GLU B 107 0.43 -27.16 39.18
C GLU B 107 1.06 -25.83 38.84
N VAL B 108 2.09 -25.84 38.00
CA VAL B 108 2.84 -24.65 37.65
C VAL B 108 3.06 -24.66 36.15
N LEU B 109 2.84 -23.52 35.52
CA LEU B 109 3.10 -23.31 34.11
C LEU B 109 4.18 -22.24 34.01
N ILE B 110 5.33 -22.60 33.41
CA ILE B 110 6.41 -21.66 33.15
C ILE B 110 6.36 -21.27 31.68
N LEU B 111 6.33 -19.96 31.41
CA LEU B 111 6.16 -19.44 30.06
C LEU B 111 7.31 -18.45 29.76
N ASP B 112 8.29 -18.90 28.98
CA ASP B 112 9.49 -18.11 28.64
C ASP B 112 9.23 -17.26 27.39
N GLU B 113 10.09 -16.26 27.18
CA GLU B 113 9.93 -15.26 26.10
C GLU B 113 8.50 -14.74 26.02
N VAL B 114 7.98 -14.32 27.18
CA VAL B 114 6.60 -13.86 27.25
C VAL B 114 6.40 -12.58 26.44
N GLY B 115 7.47 -11.81 26.18
CA GLY B 115 7.30 -10.63 25.36
C GLY B 115 6.77 -10.94 23.97
N MET B 116 7.10 -12.13 23.42
CA MET B 116 6.62 -12.53 22.10
C MET B 116 5.23 -13.18 22.15
N VAL B 117 4.70 -13.45 23.33
CA VAL B 117 3.37 -14.04 23.45
C VAL B 117 2.33 -12.97 23.14
N ARG B 118 1.60 -13.14 22.04
CA ARG B 118 0.54 -12.19 21.70
C ARG B 118 -0.65 -12.33 22.66
N VAL B 119 -1.42 -11.23 22.80
CA VAL B 119 -2.44 -11.16 23.83
C VAL B 119 -3.49 -12.25 23.67
N ASP B 120 -3.83 -12.61 22.42
CA ASP B 120 -4.82 -13.68 22.24
C ASP B 120 -4.26 -15.05 22.58
N LEU B 121 -2.93 -15.23 22.52
CA LEU B 121 -2.36 -16.49 22.95
C LEU B 121 -2.46 -16.65 24.46
N LEU B 122 -2.05 -15.61 25.21
CA LEU B 122 -2.15 -15.67 26.67
C LEU B 122 -3.58 -15.85 27.12
N GLU B 123 -4.52 -15.15 26.47
CA GLU B 123 -5.91 -15.25 26.89
C GLU B 123 -6.45 -16.64 26.61
N ALA B 124 -6.04 -17.24 25.48
CA ALA B 124 -6.48 -18.61 25.19
C ALA B 124 -5.94 -19.60 26.23
N MET B 125 -4.72 -19.37 26.72
CA MET B 125 -4.18 -20.21 27.78
C MET B 125 -5.03 -20.10 29.03
N ASP B 126 -5.29 -18.87 29.46
CA ASP B 126 -6.16 -18.64 30.60
C ASP B 126 -7.46 -19.42 30.45
N TRP B 127 -8.11 -19.28 29.30
CA TRP B 127 -9.42 -19.90 29.14
C TRP B 127 -9.31 -21.41 29.06
N ALA B 128 -8.33 -21.91 28.30
CA ALA B 128 -8.17 -23.37 28.19
C ALA B 128 -8.01 -24.02 29.57
N LEU B 129 -7.21 -23.41 30.44
CA LEU B 129 -6.99 -24.01 31.77
C LEU B 129 -8.21 -23.88 32.65
N ARG B 130 -9.01 -22.82 32.49
CA ARG B 130 -10.23 -22.67 33.29
C ARG B 130 -11.27 -23.70 32.90
N LYS B 131 -11.53 -23.86 31.60
CA LYS B 131 -12.59 -24.76 31.16
C LYS B 131 -12.21 -26.21 31.43
N THR B 132 -10.96 -26.58 31.14
CA THR B 132 -10.56 -27.98 31.29
C THR B 132 -10.54 -28.39 32.75
N ARG B 133 -9.99 -27.53 33.61
CA ARG B 133 -9.92 -27.81 35.05
C ARG B 133 -11.21 -27.48 35.78
N LYS B 134 -12.22 -26.95 35.07
CA LYS B 134 -13.55 -26.68 35.64
C LYS B 134 -13.47 -25.67 36.80
N ARG B 135 -12.60 -24.67 36.66
CA ARG B 135 -12.47 -23.59 37.63
C ARG B 135 -12.55 -22.26 36.88
N LEU B 136 -13.78 -21.78 36.69
CA LEU B 136 -14.00 -20.69 35.76
C LEU B 136 -13.71 -19.32 36.34
N GLU B 137 -13.64 -19.19 37.67
CA GLU B 137 -13.45 -17.90 38.31
C GLU B 137 -12.03 -17.69 38.79
N GLU B 138 -11.13 -18.63 38.50
CA GLU B 138 -9.72 -18.53 38.88
C GLU B 138 -8.88 -18.37 37.62
N PRO B 139 -8.16 -17.27 37.49
CA PRO B 139 -7.17 -17.13 36.41
C PRO B 139 -6.29 -18.36 36.26
N PHE B 140 -6.12 -18.78 35.02
CA PHE B 140 -5.30 -19.95 34.65
C PHE B 140 -5.75 -21.20 35.40
N GLY B 141 -7.02 -21.24 35.79
CA GLY B 141 -7.54 -22.41 36.46
C GLY B 141 -6.86 -22.73 37.76
N GLY B 142 -6.26 -21.72 38.40
CA GLY B 142 -5.53 -21.95 39.64
C GLY B 142 -4.09 -22.37 39.44
N VAL B 143 -3.63 -22.52 38.21
CA VAL B 143 -2.25 -22.88 37.96
C VAL B 143 -1.37 -21.66 38.27
N LYS B 144 -0.34 -21.87 39.08
CA LYS B 144 0.71 -20.87 39.29
C LYS B 144 1.40 -20.62 37.95
N VAL B 145 1.44 -19.37 37.51
CA VAL B 145 2.10 -19.01 36.26
C VAL B 145 3.37 -18.22 36.58
N LEU B 146 4.49 -18.66 36.00
CA LEU B 146 5.78 -17.98 36.08
C LEU B 146 6.12 -17.53 34.66
N LEU B 147 6.02 -16.23 34.42
CA LEU B 147 6.33 -15.65 33.13
C LEU B 147 7.75 -15.07 33.17
N LEU B 148 8.50 -15.27 32.07
CA LEU B 148 9.85 -14.70 31.93
C LEU B 148 9.99 -14.17 30.51
N GLY B 149 10.51 -12.94 30.38
CA GLY B 149 10.65 -12.36 29.06
C GLY B 149 11.08 -10.91 29.14
N ASP B 150 10.94 -10.21 28.01
CA ASP B 150 11.44 -8.84 27.94
C ASP B 150 10.67 -8.06 26.89
N THR B 151 9.88 -7.06 27.32
CA THR B 151 9.05 -6.29 26.39
C THR B 151 9.86 -5.37 25.50
N ARG B 152 11.16 -5.19 25.74
CA ARG B 152 11.99 -4.41 24.82
C ARG B 152 12.64 -5.26 23.73
N GLN B 153 12.53 -6.57 23.82
CA GLN B 153 12.84 -7.49 22.72
C GLN B 153 11.60 -7.59 21.83
N LEU B 154 11.60 -8.53 20.88
CA LEU B 154 10.65 -8.49 19.78
C LEU B 154 9.21 -8.42 20.25
N GLU B 155 8.44 -7.57 19.60
CA GLU B 155 7.02 -7.50 19.84
C GLU B 155 6.31 -8.68 19.20
N PRO B 156 5.11 -9.02 19.66
CA PRO B 156 4.37 -10.12 19.04
C PRO B 156 3.97 -9.76 17.61
N VAL B 157 3.88 -10.79 16.76
CA VAL B 157 3.60 -10.60 15.34
C VAL B 157 2.10 -10.41 15.11
N VAL B 158 1.73 -9.29 14.50
CA VAL B 158 0.32 -9.10 14.15
C VAL B 158 0.26 -9.20 12.64
N PRO B 159 -0.22 -10.33 12.10
CA PRO B 159 -0.17 -10.53 10.65
C PRO B 159 -0.98 -9.48 9.92
N GLY B 160 -0.59 -9.26 8.66
CA GLY B 160 -1.15 -8.25 7.79
C GLY B 160 -2.48 -8.59 7.19
N GLY B 161 -3.16 -9.63 7.66
CA GLY B 161 -4.59 -9.57 7.66
C GLY B 161 -4.96 -8.66 8.80
N GLU B 162 -6.23 -8.62 9.11
CA GLU B 162 -6.57 -7.57 10.06
C GLU B 162 -7.31 -8.18 11.26
N GLU B 163 -6.77 -9.30 11.71
CA GLU B 163 -6.82 -9.65 13.13
C GLU B 163 -6.31 -8.49 13.97
N ALA B 164 -5.55 -7.56 13.34
CA ALA B 164 -5.04 -6.38 14.03
C ALA B 164 -6.15 -5.55 14.66
N LEU B 165 -7.22 -5.25 13.89
CA LEU B 165 -8.34 -4.51 14.47
C LEU B 165 -9.23 -5.34 15.38
N TYR B 166 -9.36 -6.63 15.13
CA TYR B 166 -10.04 -7.45 16.13
C TYR B 166 -9.29 -7.36 17.45
N ILE B 167 -7.97 -7.38 17.39
CA ILE B 167 -7.17 -7.20 18.61
C ILE B 167 -7.36 -5.80 19.18
N ALA B 168 -7.37 -4.79 18.30
CA ALA B 168 -7.65 -3.42 18.75
C ALA B 168 -9.06 -3.29 19.33
N ARG B 169 -10.03 -3.97 18.73
CA ARG B 169 -11.39 -3.90 19.25
C ARG B 169 -11.52 -4.67 20.55
N THR B 170 -10.80 -5.79 20.70
CA THR B 170 -11.05 -6.69 21.82
C THR B 170 -10.07 -6.50 22.97
N TRP B 171 -8.84 -6.08 22.69
CA TRP B 171 -7.84 -5.86 23.72
C TRP B 171 -7.15 -4.50 23.66
N GLY B 172 -7.20 -3.78 22.54
CA GLY B 172 -6.54 -2.50 22.36
C GLY B 172 -5.05 -2.56 22.09
N GLY B 173 -4.51 -3.75 21.86
CA GLY B 173 -3.10 -3.92 21.64
C GLY B 173 -2.75 -5.38 21.72
N PRO B 174 -1.60 -5.74 21.12
CA PRO B 174 -1.22 -7.15 21.02
C PRO B 174 -0.41 -7.70 22.18
N PHE B 175 0.07 -6.86 23.09
CA PHE B 175 1.05 -7.30 24.08
C PHE B 175 0.37 -8.10 25.20
N PHE B 176 1.18 -8.96 25.81
CA PHE B 176 0.64 -9.93 26.77
C PHE B 176 0.04 -9.24 27.99
N PHE B 177 0.56 -8.06 28.34
CA PHE B 177 0.10 -7.35 29.53
C PHE B 177 -1.21 -6.62 29.31
N GLN B 178 -1.76 -6.68 28.09
CA GLN B 178 -3.06 -6.11 27.80
C GLN B 178 -4.18 -7.13 27.90
N ALA B 179 -3.87 -8.34 28.36
CA ALA B 179 -4.88 -9.40 28.47
C ALA B 179 -5.84 -9.10 29.62
N HIS B 180 -7.10 -9.48 29.44
CA HIS B 180 -8.11 -9.14 30.44
C HIS B 180 -7.96 -9.94 31.72
N VAL B 181 -7.13 -10.98 31.72
CA VAL B 181 -6.92 -11.77 32.93
C VAL B 181 -6.25 -10.92 33.99
N TRP B 182 -5.48 -9.91 33.59
CA TRP B 182 -4.85 -9.05 34.60
C TRP B 182 -5.85 -8.13 35.33
N GLU B 183 -7.12 -8.14 34.90
CA GLU B 183 -8.20 -7.52 35.68
C GLU B 183 -8.68 -8.38 36.83
N GLU B 184 -8.28 -9.65 36.84
CA GLU B 184 -8.66 -10.59 37.88
C GLU B 184 -7.51 -10.98 38.80
N VAL B 185 -6.27 -10.76 38.40
CA VAL B 185 -5.11 -11.19 39.18
C VAL B 185 -3.95 -10.21 38.94
N ALA B 186 -3.25 -9.89 40.00
CA ALA B 186 -2.10 -9.01 39.91
C ALA B 186 -0.87 -9.83 39.52
N LEU B 187 0.00 -9.22 38.74
CA LEU B 187 1.23 -9.89 38.30
C LEU B 187 2.38 -9.33 39.11
N ARG B 188 3.09 -10.20 39.84
CA ARG B 188 4.26 -9.79 40.63
C ARG B 188 5.50 -9.73 39.74
N VAL B 189 6.17 -8.59 39.72
CA VAL B 189 7.25 -8.32 38.78
C VAL B 189 8.57 -8.35 39.52
N HIS B 190 9.49 -9.20 39.08
CA HIS B 190 10.83 -9.30 39.62
C HIS B 190 11.82 -9.04 38.49
N ARG B 191 12.79 -8.15 38.75
CA ARG B 191 13.66 -7.62 37.71
C ARG B 191 15.07 -8.12 37.91
N LEU B 192 15.72 -8.49 36.81
CA LEU B 192 17.15 -8.79 36.76
C LEU B 192 17.85 -7.70 35.98
N TRP B 193 19.04 -7.31 36.44
CA TRP B 193 19.73 -6.15 35.89
C TRP B 193 21.06 -6.46 35.23
N GLU B 194 21.93 -7.25 35.86
CA GLU B 194 23.29 -7.41 35.33
C GLU B 194 23.34 -8.53 34.32
N SER B 195 24.02 -8.27 33.19
CA SER B 195 24.05 -9.23 32.09
C SER B 195 25.05 -10.34 32.36
N GLN B 196 24.62 -11.57 32.11
CA GLN B 196 25.49 -12.73 32.19
C GLN B 196 26.08 -13.11 30.86
N ARG B 197 25.33 -12.89 29.78
CA ARG B 197 25.84 -13.23 28.46
C ARG B 197 27.05 -12.38 28.11
N GLN B 198 27.05 -11.10 28.52
CA GLN B 198 28.15 -10.18 28.24
C GLN B 198 28.98 -9.89 29.49
N ARG B 199 29.02 -10.79 30.45
CA ARG B 199 29.79 -10.52 31.67
C ARG B 199 31.26 -10.37 31.35
N GLU B 200 31.78 -11.08 30.36
CA GLU B 200 33.19 -11.03 30.01
C GLU B 200 33.57 -9.75 29.29
N ASP B 201 32.61 -8.90 28.93
CA ASP B 201 32.85 -7.72 28.12
C ASP B 201 31.99 -6.58 28.68
N PRO B 202 32.34 -6.08 29.87
CA PRO B 202 31.49 -5.08 30.52
C PRO B 202 31.32 -3.80 29.70
N LEU B 203 32.32 -3.41 28.92
CA LEU B 203 32.14 -2.27 28.03
C LEU B 203 31.05 -2.55 27.00
N PHE B 204 31.08 -3.74 26.39
CA PHE B 204 30.02 -4.11 25.46
C PHE B 204 28.67 -4.18 26.16
N ALA B 205 28.63 -4.73 27.38
CA ALA B 205 27.35 -4.81 28.08
C ALA B 205 26.80 -3.42 28.38
N GLU B 206 27.68 -2.47 28.67
CA GLU B 206 27.27 -1.10 28.94
C GLU B 206 26.82 -0.40 27.67
N LEU B 207 27.40 -0.75 26.53
CA LEU B 207 26.90 -0.21 25.26
C LEU B 207 25.49 -0.69 24.98
N LEU B 208 25.25 -1.99 25.12
CA LEU B 208 23.92 -2.54 24.90
C LEU B 208 22.91 -1.93 25.87
N LYS B 209 23.31 -1.70 27.11
CA LYS B 209 22.43 -1.04 28.07
C LYS B 209 22.03 0.32 27.55
N ARG B 210 23.00 1.06 27.00
CA ARG B 210 22.73 2.41 26.51
C ARG B 210 21.87 2.37 25.25
N LEU B 211 22.14 1.40 24.37
CA LEU B 211 21.28 1.22 23.21
C LEU B 211 19.86 0.85 23.64
N ARG B 212 19.73 0.07 24.72
CA ARG B 212 18.41 -0.36 25.19
C ARG B 212 17.54 0.85 25.51
N GLN B 213 18.12 1.88 26.11
CA GLN B 213 17.39 3.09 26.41
C GLN B 213 17.43 4.10 25.28
N GLY B 214 18.05 3.78 24.15
CA GLY B 214 18.02 4.62 22.96
C GLY B 214 19.06 5.74 22.82
N ASP B 215 20.05 5.81 23.69
CA ASP B 215 21.08 6.86 23.62
C ASP B 215 21.74 6.88 22.24
N PRO B 216 21.69 8.01 21.52
CA PRO B 216 22.25 8.02 20.16
C PRO B 216 23.77 8.10 20.11
N GLN B 217 24.43 8.61 21.17
CA GLN B 217 25.89 8.54 21.21
C GLN B 217 26.37 7.09 21.22
N ALA B 218 25.57 6.20 21.81
CA ALA B 218 25.86 4.78 21.76
C ALA B 218 25.63 4.21 20.37
N LEU B 219 24.61 4.70 19.66
CA LEU B 219 24.37 4.21 18.31
C LEU B 219 25.51 4.59 17.36
N GLU B 220 26.03 5.81 17.47
CA GLU B 220 27.18 6.18 16.68
C GLU B 220 28.40 5.31 17.00
N THR B 221 28.63 5.05 18.29
CA THR B 221 29.75 4.19 18.67
C THR B 221 29.57 2.79 18.13
N LEU B 222 28.32 2.29 18.13
CA LEU B 222 28.07 0.99 17.53
C LEU B 222 28.36 1.01 16.02
N ASN B 223 27.93 2.05 15.31
CA ASN B 223 28.20 2.13 13.87
C ASN B 223 29.70 2.14 13.59
N ARG B 224 30.45 2.96 14.33
CA ARG B 224 31.88 3.04 14.11
C ARG B 224 32.63 1.76 14.51
N ALA B 225 32.04 0.93 15.38
CA ALA B 225 32.74 -0.24 15.90
C ALA B 225 32.38 -1.54 15.21
N ALA B 226 31.11 -1.73 14.85
CA ALA B 226 30.60 -3.04 14.46
C ALA B 226 30.29 -3.17 12.98
N VAL B 227 30.41 -2.11 12.18
CA VAL B 227 30.11 -2.22 10.76
C VAL B 227 31.26 -2.91 10.03
N ARG B 228 30.94 -4.06 9.42
CA ARG B 228 31.94 -4.85 8.69
C ARG B 228 31.20 -5.70 7.67
N PRO B 229 30.97 -5.18 6.46
CA PRO B 229 30.18 -5.92 5.49
C PRO B 229 30.76 -7.29 5.13
N ASP B 230 32.06 -7.47 5.31
CA ASP B 230 32.67 -8.76 5.05
C ASP B 230 32.41 -9.76 6.18
N GLY B 231 31.55 -9.42 7.14
CA GLY B 231 31.46 -10.23 8.35
C GLY B 231 30.72 -11.54 8.20
N GLY B 232 29.88 -11.67 7.18
CA GLY B 232 29.10 -12.88 7.01
C GLY B 232 29.80 -14.00 6.27
N GLU B 233 31.02 -13.75 5.80
CA GLU B 233 31.78 -14.77 5.09
C GLU B 233 32.73 -15.53 6.00
N GLU B 234 32.82 -15.18 7.28
CA GLU B 234 33.62 -15.97 8.21
C GLU B 234 32.90 -17.28 8.51
N PRO B 235 33.62 -18.39 8.57
CA PRO B 235 32.96 -19.64 8.97
C PRO B 235 32.44 -19.52 10.39
N GLY B 236 31.37 -20.24 10.67
CA GLY B 236 30.83 -20.35 12.00
C GLY B 236 29.95 -19.19 12.44
N THR B 237 29.91 -18.09 11.70
CA THR B 237 29.05 -16.98 12.07
C THR B 237 27.67 -17.17 11.44
N LEU B 238 26.65 -16.74 12.16
CA LEU B 238 25.26 -16.85 11.73
C LEU B 238 24.77 -15.48 11.33
N ILE B 239 24.22 -15.37 10.12
CA ILE B 239 23.65 -14.12 9.62
C ILE B 239 22.19 -14.03 10.08
N LEU B 240 21.81 -12.89 10.63
CA LEU B 240 20.43 -12.62 10.97
C LEU B 240 19.88 -11.55 10.05
N THR B 241 18.69 -11.80 9.53
CA THR B 241 18.01 -10.90 8.63
C THR B 241 16.66 -10.54 9.21
N PRO B 242 16.11 -9.42 8.82
CA PRO B 242 14.77 -9.09 9.30
C PRO B 242 13.65 -9.85 8.58
N ARG B 243 13.84 -10.17 7.30
CA ARG B 243 12.78 -10.76 6.50
C ARG B 243 13.15 -12.17 6.06
N ARG B 244 12.11 -13.01 5.91
CA ARG B 244 12.31 -14.43 5.66
C ARG B 244 12.99 -14.69 4.31
N LYS B 245 12.51 -14.06 3.23
CA LYS B 245 13.10 -14.33 1.92
C LYS B 245 14.52 -13.77 1.82
N GLU B 246 14.84 -12.74 2.61
CA GLU B 246 16.22 -12.27 2.63
C GLU B 246 17.15 -13.34 3.18
N ALA B 247 16.70 -14.09 4.20
CA ALA B 247 17.49 -15.19 4.74
C ALA B 247 17.59 -16.35 3.74
N ASP B 248 16.50 -16.65 3.01
CA ASP B 248 16.60 -17.69 2.00
C ASP B 248 17.47 -17.26 0.82
N ALA B 249 17.47 -15.96 0.50
CA ALA B 249 18.26 -15.49 -0.64
C ALA B 249 19.75 -15.59 -0.35
N LEU B 250 20.17 -15.39 0.90
CA LEU B 250 21.58 -15.56 1.24
C LEU B 250 21.93 -16.99 1.61
N ASN B 251 20.94 -17.82 1.95
CA ASN B 251 21.13 -19.26 2.07
C ASN B 251 21.41 -19.94 0.73
N LEU B 252 20.98 -19.36 -0.40
CA LEU B 252 21.16 -20.05 -1.66
C LEU B 252 22.54 -19.81 -2.28
N LYS B 253 23.09 -18.60 -2.12
CA LYS B 253 24.44 -18.34 -2.64
C LYS B 253 25.49 -19.14 -1.90
N ARG B 254 25.40 -19.22 -0.57
CA ARG B 254 26.33 -20.05 0.18
C ARG B 254 26.26 -21.51 -0.25
N LEU B 255 25.10 -21.94 -0.73
CA LEU B 255 24.93 -23.28 -1.27
C LEU B 255 25.47 -23.36 -2.71
N GLU B 256 25.22 -22.34 -3.52
CA GLU B 256 25.59 -22.41 -4.93
C GLU B 256 27.10 -22.28 -5.12
N ALA B 257 27.73 -21.40 -4.33
CA ALA B 257 29.18 -21.27 -4.36
C ALA B 257 29.88 -22.49 -3.79
N LEU B 258 29.21 -23.29 -2.94
CA LEU B 258 29.86 -24.42 -2.28
C LEU B 258 30.23 -25.50 -3.30
N PRO B 259 31.47 -26.00 -3.27
CA PRO B 259 31.86 -27.07 -4.20
C PRO B 259 31.39 -28.43 -3.70
N GLY B 260 30.92 -29.23 -4.65
CA GLY B 260 30.26 -30.48 -4.36
C GLY B 260 28.86 -30.29 -4.91
N LYS B 261 28.22 -31.30 -5.47
CA LYS B 261 27.04 -30.98 -6.25
C LYS B 261 25.84 -31.78 -5.78
N PRO B 262 24.60 -31.28 -6.01
CA PRO B 262 23.53 -31.48 -5.01
C PRO B 262 22.75 -32.78 -5.05
N LEU B 263 21.83 -32.87 -4.08
CA LEU B 263 20.73 -33.82 -4.03
C LEU B 263 19.46 -33.01 -3.79
N GLU B 264 18.40 -33.33 -4.50
CA GLU B 264 17.18 -32.54 -4.44
C GLU B 264 16.09 -33.36 -3.79
N TYR B 265 15.51 -32.81 -2.72
CA TYR B 265 14.45 -33.44 -1.96
C TYR B 265 13.13 -32.72 -2.22
N GLN B 266 12.17 -33.45 -2.80
CA GLN B 266 10.80 -32.97 -2.94
C GLN B 266 9.80 -33.98 -2.38
N ALA B 267 8.67 -33.45 -1.93
CA ALA B 267 7.70 -34.07 -1.02
C ALA B 267 6.54 -34.71 -1.78
N GLN B 268 5.55 -35.18 -1.02
CA GLN B 268 4.33 -35.77 -1.53
C GLN B 268 3.15 -34.91 -1.12
N VAL B 269 2.14 -34.84 -1.99
CA VAL B 269 0.96 -34.05 -1.74
C VAL B 269 -0.21 -35.01 -1.49
N LYS B 270 -1.20 -34.54 -0.74
CA LYS B 270 -2.40 -35.33 -0.51
C LYS B 270 -3.53 -34.41 -0.10
N GLY B 271 -4.66 -34.52 -0.78
CA GLY B 271 -5.83 -33.72 -0.45
C GLY B 271 -5.69 -32.25 -0.78
N GLU B 272 -5.58 -31.41 0.26
CA GLU B 272 -5.66 -29.96 0.12
C GLU B 272 -4.51 -29.34 0.89
N PHE B 273 -3.63 -28.62 0.19
CA PHE B 273 -2.41 -28.07 0.77
C PHE B 273 -1.97 -26.90 -0.10
N ALA B 274 -1.93 -25.69 0.47
CA ALA B 274 -1.42 -24.57 -0.31
C ALA B 274 0.11 -24.56 -0.17
N GLU B 275 0.77 -23.97 -1.18
CA GLU B 275 2.22 -24.13 -1.31
C GLU B 275 3.02 -23.71 -0.07
N THR B 276 2.47 -22.82 0.78
CA THR B 276 3.12 -22.46 2.05
C THR B 276 2.40 -23.07 3.26
N ASP B 277 1.43 -23.97 3.04
CA ASP B 277 0.93 -24.79 4.13
C ASP B 277 1.90 -25.90 4.52
N PHE B 278 2.83 -26.24 3.62
CA PHE B 278 3.85 -27.25 3.90
C PHE B 278 4.84 -26.70 4.92
N PRO B 279 5.41 -27.58 5.76
CA PRO B 279 6.43 -27.11 6.73
C PRO B 279 7.66 -26.50 6.09
N THR B 280 8.31 -27.21 5.16
CA THR B 280 9.45 -26.64 4.45
C THR B 280 9.07 -26.46 2.98
N GLU B 281 9.92 -25.74 2.24
CA GLU B 281 9.63 -25.38 0.87
C GLU B 281 9.54 -26.62 -0.03
N ALA B 282 8.92 -26.42 -1.21
CA ALA B 282 8.62 -27.51 -2.13
C ALA B 282 9.81 -28.43 -2.39
N ALA B 283 10.94 -27.85 -2.81
CA ALA B 283 12.12 -28.63 -3.15
C ALA B 283 13.29 -28.07 -2.37
N LEU B 284 14.29 -28.91 -2.17
CA LEU B 284 15.41 -28.58 -1.29
C LEU B 284 16.67 -29.24 -1.81
N THR B 285 17.60 -28.43 -2.29
CA THR B 285 18.90 -28.89 -2.75
C THR B 285 19.93 -28.66 -1.65
N LEU B 286 20.71 -29.70 -1.35
CA LEU B 286 21.71 -29.62 -0.29
C LEU B 286 23.00 -30.31 -0.72
N LYS B 287 24.12 -29.85 -0.17
CA LYS B 287 25.47 -30.32 -0.48
C LYS B 287 26.22 -30.62 0.81
N LYS B 288 26.93 -31.75 0.83
CA LYS B 288 27.52 -32.24 2.07
C LYS B 288 28.57 -31.28 2.60
N GLY B 289 28.42 -30.89 3.86
CA GLY B 289 29.20 -29.79 4.39
C GLY B 289 28.47 -28.47 4.38
N ALA B 290 27.23 -28.44 4.85
CA ALA B 290 26.44 -27.21 4.78
C ALA B 290 25.66 -27.00 6.08
N GLN B 291 25.78 -25.81 6.68
CA GLN B 291 25.03 -25.54 7.91
C GLN B 291 23.53 -25.36 7.63
N VAL B 292 22.69 -26.28 8.13
CA VAL B 292 21.25 -26.15 8.05
C VAL B 292 20.66 -26.84 9.30
N ILE B 293 19.40 -26.48 9.64
CA ILE B 293 18.76 -26.81 10.92
C ILE B 293 17.34 -27.37 10.72
N LEU B 294 16.88 -28.18 11.68
CA LEU B 294 15.73 -29.09 11.59
C LEU B 294 14.43 -28.38 11.98
N LEU B 295 13.30 -28.91 11.47
CA LEU B 295 11.99 -28.27 11.62
C LEU B 295 11.04 -28.96 12.61
N ARG B 296 11.35 -30.16 13.08
CA ARG B 296 10.48 -30.88 14.01
C ARG B 296 11.32 -31.90 14.77
N ASN B 297 10.81 -32.32 15.94
CA ASN B 297 11.50 -33.35 16.72
C ASN B 297 11.13 -34.74 16.19
N ASP B 298 11.62 -35.78 16.86
CA ASP B 298 11.28 -37.16 16.50
C ASP B 298 10.82 -37.95 17.71
N PRO B 299 10.04 -39.01 17.50
CA PRO B 299 9.39 -39.69 18.64
C PRO B 299 10.34 -40.31 19.65
N LEU B 300 11.53 -40.72 19.24
CA LEU B 300 12.47 -41.35 20.18
C LEU B 300 13.16 -40.33 21.07
N GLY B 301 13.73 -39.26 20.50
CA GLY B 301 14.42 -38.29 21.33
C GLY B 301 15.83 -37.92 20.93
N GLU B 302 16.24 -38.28 19.70
CA GLU B 302 17.62 -38.05 19.27
C GLU B 302 17.84 -36.64 18.73
N TYR B 303 16.85 -36.05 18.06
CA TYR B 303 17.00 -34.70 17.56
C TYR B 303 15.82 -33.85 18.00
N PHE B 304 15.99 -32.54 17.91
CA PHE B 304 15.00 -31.59 18.40
C PHE B 304 14.88 -30.43 17.45
N ASN B 305 13.69 -29.82 17.45
CA ASN B 305 13.31 -28.82 16.46
C ASN B 305 14.09 -27.55 16.82
N GLY B 306 15.22 -27.36 16.14
CA GLY B 306 16.08 -26.23 16.42
C GLY B 306 17.55 -26.50 16.73
N ASP B 307 18.07 -27.67 16.38
CA ASP B 307 19.50 -27.91 16.48
C ASP B 307 20.14 -27.98 15.10
N LEU B 308 21.24 -27.23 14.90
CA LEU B 308 21.89 -27.11 13.59
C LEU B 308 23.35 -27.55 13.59
N GLY B 309 23.83 -27.87 12.38
CA GLY B 309 25.17 -28.40 12.20
C GLY B 309 25.54 -28.59 10.73
N TRP B 310 26.30 -29.64 10.44
CA TRP B 310 26.73 -30.00 9.09
C TRP B 310 26.21 -31.40 8.73
N VAL B 311 26.28 -31.73 7.45
CA VAL B 311 25.82 -33.04 6.96
C VAL B 311 27.02 -33.92 6.70
N GLU B 312 26.98 -35.15 7.23
CA GLU B 312 28.10 -36.08 7.15
C GLU B 312 28.04 -36.94 5.89
N ASP B 313 26.93 -37.65 5.71
CA ASP B 313 26.61 -38.33 4.47
C ASP B 313 25.18 -37.98 4.06
N LEU B 314 24.89 -38.15 2.78
CA LEU B 314 23.56 -37.81 2.29
C LEU B 314 23.25 -38.66 1.06
N GLU B 315 22.33 -39.58 1.24
CA GLU B 315 21.78 -40.39 0.16
C GLU B 315 20.30 -40.47 0.46
N ALA B 316 19.51 -40.67 -0.59
CA ALA B 316 18.25 -39.97 -0.74
C ALA B 316 17.44 -39.84 0.55
N GLU B 317 17.27 -40.91 1.31
CA GLU B 317 16.35 -40.79 2.44
C GLU B 317 16.94 -40.89 3.85
N ALA B 318 18.13 -41.45 4.03
CA ALA B 318 18.78 -41.27 5.31
C ALA B 318 19.55 -39.96 5.30
N LEU B 319 19.35 -39.16 6.34
CA LEU B 319 19.89 -37.81 6.43
C LEU B 319 20.93 -37.83 7.54
N ALA B 320 22.17 -38.06 7.16
CA ALA B 320 23.26 -38.16 8.12
C ALA B 320 23.92 -36.79 8.26
N VAL B 321 23.63 -36.09 9.36
CA VAL B 321 24.09 -34.72 9.60
C VAL B 321 24.46 -34.60 11.08
N ARG B 322 25.54 -33.87 11.38
CA ARG B 322 26.16 -33.84 12.72
C ARG B 322 25.80 -32.55 13.43
N LEU B 323 25.35 -32.68 14.67
CA LEU B 323 24.76 -31.56 15.38
C LEU B 323 25.83 -30.77 16.15
N LYS B 324 25.40 -29.64 16.69
CA LYS B 324 26.15 -28.84 17.66
C LYS B 324 25.66 -28.98 19.11
N ARG B 325 24.35 -29.20 19.33
CA ARG B 325 23.81 -29.24 20.70
C ARG B 325 24.55 -30.27 21.55
N ASN B 326 24.80 -31.48 21.04
CA ASN B 326 25.61 -32.46 21.78
C ASN B 326 27.02 -32.71 21.22
N GLY B 327 27.30 -32.31 19.97
CA GLY B 327 28.36 -32.96 19.23
C GLY B 327 28.03 -34.36 18.79
N ARG B 328 26.79 -34.81 19.01
CA ARG B 328 26.26 -36.16 18.78
C ARG B 328 25.71 -36.27 17.36
N ARG B 329 24.98 -37.37 17.11
CA ARG B 329 24.64 -37.85 15.78
C ARG B 329 23.12 -37.95 15.63
N VAL B 330 22.61 -37.71 14.41
CA VAL B 330 21.19 -37.89 14.09
C VAL B 330 21.02 -38.44 12.68
N VAL B 331 19.90 -39.16 12.48
CA VAL B 331 19.37 -39.51 11.17
C VAL B 331 17.94 -38.96 11.07
N ILE B 332 17.66 -38.21 10.00
CA ILE B 332 16.35 -37.62 9.76
C ILE B 332 15.70 -38.30 8.57
N ARG B 333 14.51 -38.85 8.77
CA ARG B 333 13.67 -39.30 7.67
C ARG B 333 12.29 -38.68 7.82
N PRO B 334 11.70 -38.18 6.72
CA PRO B 334 10.47 -37.37 6.83
C PRO B 334 9.29 -38.14 7.40
N PHE B 335 8.21 -37.38 7.63
CA PHE B 335 6.88 -37.91 7.91
C PHE B 335 5.88 -36.87 7.42
N VAL B 336 4.60 -37.26 7.33
CA VAL B 336 3.54 -36.35 6.87
C VAL B 336 3.13 -35.43 8.01
N ARG B 360 4.61 -34.02 2.98
CA ARG B 360 5.58 -35.01 3.49
C ARG B 360 7.01 -34.78 2.99
N GLN B 361 7.81 -34.00 3.71
CA GLN B 361 9.21 -33.84 3.32
C GLN B 361 10.11 -33.79 4.54
N VAL B 362 11.40 -34.02 4.29
CA VAL B 362 12.41 -34.10 5.35
C VAL B 362 12.47 -32.75 6.04
N PRO B 363 12.22 -32.70 7.34
CA PRO B 363 12.11 -31.40 8.04
C PRO B 363 13.46 -30.77 8.34
N VAL B 364 14.13 -30.27 7.30
CA VAL B 364 15.41 -29.58 7.41
C VAL B 364 15.41 -28.41 6.44
N ARG B 365 15.79 -27.21 6.93
CA ARG B 365 15.84 -25.98 6.16
C ARG B 365 17.22 -25.33 6.30
N LEU B 366 17.62 -24.51 5.32
CA LEU B 366 18.99 -23.97 5.34
C LEU B 366 19.16 -22.93 6.45
N ALA B 367 20.36 -22.93 7.05
CA ALA B 367 20.59 -22.12 8.26
C ALA B 367 21.93 -21.39 8.23
N TRP B 368 22.31 -20.84 7.08
CA TRP B 368 23.37 -19.83 7.08
C TRP B 368 22.83 -18.45 7.46
N ALA B 369 21.61 -18.14 7.04
CA ALA B 369 20.94 -16.91 7.42
C ALA B 369 19.60 -17.25 8.04
N LEU B 370 19.19 -16.48 9.06
CA LEU B 370 17.96 -16.71 9.78
C LEU B 370 17.33 -15.37 10.11
N THR B 371 16.01 -15.37 10.32
CA THR B 371 15.37 -14.16 10.82
C THR B 371 15.72 -13.94 12.27
N VAL B 372 15.68 -12.68 12.70
CA VAL B 372 16.00 -12.42 14.09
C VAL B 372 14.91 -12.99 14.99
N HIS B 373 13.70 -13.21 14.46
CA HIS B 373 12.66 -13.84 15.27
C HIS B 373 13.10 -15.23 15.70
N LYS B 374 13.74 -15.97 14.81
CA LYS B 374 14.18 -17.33 15.15
C LYS B 374 15.41 -17.36 16.05
N ALA B 375 16.05 -16.23 16.29
CA ALA B 375 17.25 -16.17 17.09
C ALA B 375 17.02 -15.66 18.51
N GLN B 376 15.86 -15.07 18.79
CA GLN B 376 15.60 -14.54 20.12
C GLN B 376 15.60 -15.65 21.16
N GLY B 377 16.39 -15.47 22.24
CA GLY B 377 16.58 -16.47 23.28
C GLY B 377 17.91 -17.22 23.19
N LEU B 378 18.55 -17.21 22.01
CA LEU B 378 19.80 -17.93 21.79
C LEU B 378 21.00 -17.11 22.23
N THR B 379 22.03 -17.80 22.69
CA THR B 379 23.36 -17.21 22.83
C THR B 379 24.22 -17.73 21.69
N LEU B 380 24.76 -16.82 20.89
CA LEU B 380 25.45 -17.15 19.66
C LEU B 380 26.93 -16.79 19.76
N ASP B 381 27.78 -17.56 19.07
CA ASP B 381 29.23 -17.34 19.10
C ASP B 381 29.67 -16.17 18.22
N LYS B 382 29.10 -16.05 17.04
CA LYS B 382 29.37 -14.93 16.16
C LYS B 382 28.07 -14.61 15.44
N VAL B 383 27.83 -13.33 15.17
CA VAL B 383 26.59 -12.89 14.54
C VAL B 383 26.89 -11.76 13.58
N HIS B 384 26.35 -11.84 12.36
CA HIS B 384 26.36 -10.74 11.41
C HIS B 384 24.92 -10.37 11.07
N LEU B 385 24.58 -9.09 11.25
CA LEU B 385 23.23 -8.59 10.99
C LEU B 385 23.23 -7.99 9.58
N GLU B 386 22.70 -8.75 8.61
CA GLU B 386 22.48 -8.20 7.27
C GLU B 386 21.15 -7.48 7.25
N LEU B 387 21.19 -6.14 7.14
CA LEU B 387 20.00 -5.34 7.37
C LEU B 387 19.00 -5.36 6.22
N GLY B 388 19.39 -5.81 5.03
CA GLY B 388 18.47 -5.85 3.92
C GLY B 388 17.74 -4.54 3.72
N ARG B 389 16.41 -4.59 3.70
CA ARG B 389 15.59 -3.40 3.53
C ARG B 389 15.36 -2.64 4.83
N GLY B 390 15.82 -3.15 5.95
CA GLY B 390 15.78 -2.44 7.20
C GLY B 390 14.92 -3.15 8.22
N LEU B 391 14.89 -2.58 9.41
CA LEU B 391 14.10 -3.13 10.50
C LEU B 391 12.68 -2.60 10.45
N PHE B 392 11.73 -3.43 10.86
CA PHE B 392 10.33 -3.07 10.84
C PHE B 392 9.57 -3.39 12.14
N ALA B 393 10.18 -4.06 13.10
CA ALA B 393 9.48 -4.48 14.30
C ALA B 393 10.17 -3.93 15.54
N HIS B 394 9.36 -3.61 16.55
CA HIS B 394 9.89 -3.16 17.84
C HIS B 394 10.78 -4.24 18.44
N GLY B 395 11.97 -3.85 18.88
CA GLY B 395 12.85 -4.81 19.52
C GLY B 395 13.65 -5.66 18.55
N GLN B 396 13.45 -5.49 17.26
CA GLN B 396 14.18 -6.29 16.29
C GLN B 396 15.68 -6.03 16.37
N LEU B 397 16.07 -4.75 16.40
CA LEU B 397 17.50 -4.42 16.45
C LEU B 397 18.13 -4.87 17.77
N TYR B 398 17.41 -4.69 18.87
CA TYR B 398 17.97 -5.03 20.17
C TYR B 398 18.31 -6.52 20.24
N VAL B 399 17.41 -7.38 19.74
CA VAL B 399 17.64 -8.82 19.79
C VAL B 399 18.86 -9.20 18.97
N ALA B 400 18.99 -8.65 17.77
CA ALA B 400 20.10 -9.01 16.91
C ALA B 400 21.44 -8.66 17.56
N LEU B 401 21.51 -7.51 18.24
CA LEU B 401 22.77 -7.08 18.83
C LEU B 401 23.13 -7.83 20.11
N THR B 402 22.15 -8.38 20.82
CA THR B 402 22.39 -8.96 22.15
C THR B 402 22.61 -10.47 22.15
N ARG B 403 22.80 -11.10 20.99
CA ARG B 403 22.98 -12.54 20.97
C ARG B 403 24.39 -12.98 21.35
N VAL B 404 25.40 -12.14 21.16
CA VAL B 404 26.79 -12.56 21.31
C VAL B 404 27.33 -12.08 22.66
N ARG B 405 28.46 -12.66 23.08
CA ARG B 405 29.07 -12.35 24.38
C ARG B 405 30.03 -11.18 24.33
N ARG B 406 30.74 -10.98 23.21
CA ARG B 406 31.73 -9.91 23.07
C ARG B 406 31.44 -9.06 21.85
N LEU B 407 31.86 -7.78 21.90
CA LEU B 407 31.57 -6.90 20.77
C LEU B 407 32.25 -7.38 19.49
N GLN B 408 33.43 -7.97 19.61
CA GLN B 408 34.17 -8.53 18.50
C GLN B 408 33.44 -9.70 17.82
N ASP B 409 32.38 -10.22 18.42
CA ASP B 409 31.59 -11.29 17.81
C ASP B 409 30.43 -10.78 16.97
N LEU B 410 30.27 -9.47 16.88
CA LEU B 410 29.12 -8.84 16.25
C LEU B 410 29.58 -7.95 15.10
N SER B 411 28.98 -8.14 13.94
CA SER B 411 29.24 -7.30 12.78
C SER B 411 27.92 -6.87 12.17
N LEU B 412 27.90 -5.66 11.63
CA LEU B 412 26.75 -5.14 10.92
C LEU B 412 27.12 -4.90 9.46
N SER B 413 26.14 -5.11 8.58
CA SER B 413 26.34 -4.89 7.14
C SER B 413 26.39 -3.42 6.76
N ARG B 414 25.79 -2.54 7.55
CA ARG B 414 25.80 -1.11 7.30
C ARG B 414 25.52 -0.39 8.62
N PRO B 415 25.82 0.90 8.72
CA PRO B 415 25.50 1.62 9.96
C PRO B 415 24.00 1.87 10.09
N ILE B 416 23.56 1.99 11.37
CA ILE B 416 22.16 2.16 11.73
C ILE B 416 21.86 3.65 11.91
N ALA B 417 20.69 4.11 11.35
CA ALA B 417 20.29 5.50 11.51
C ALA B 417 19.30 5.65 12.66
N PRO B 418 19.33 6.78 13.38
CA PRO B 418 18.41 6.93 14.52
C PRO B 418 16.95 6.80 14.14
N THR B 419 16.61 7.14 12.90
CA THR B 419 15.26 7.00 12.40
C THR B 419 14.84 5.55 12.19
N GLU B 420 15.72 4.58 12.50
CA GLU B 420 15.35 3.17 12.47
C GLU B 420 14.94 2.61 13.83
N LEU B 421 15.09 3.37 14.90
CA LEU B 421 14.67 2.91 16.22
C LEU B 421 13.16 2.94 16.33
N LEU B 422 12.56 1.83 16.73
CA LEU B 422 11.11 1.69 16.84
C LEU B 422 10.73 1.53 18.31
N TRP B 423 9.75 2.33 18.75
CA TRP B 423 9.30 2.34 20.13
C TRP B 423 7.78 2.30 20.16
N ARG B 424 7.23 1.32 20.86
CA ARG B 424 5.80 1.22 21.07
C ARG B 424 5.43 1.91 22.38
N PRO B 425 4.55 2.89 22.38
CA PRO B 425 4.20 3.55 23.66
C PRO B 425 3.61 2.62 24.69
N GLU B 426 2.92 1.55 24.29
CA GLU B 426 2.38 0.64 25.30
C GLU B 426 3.49 0.06 26.16
N VAL B 427 4.63 -0.27 25.55
CA VAL B 427 5.74 -0.82 26.30
C VAL B 427 6.25 0.18 27.34
N GLU B 428 6.23 1.48 27.02
CA GLU B 428 6.70 2.46 27.98
C GLU B 428 5.77 2.56 29.19
N VAL B 429 4.46 2.39 29.02
CA VAL B 429 3.58 2.46 30.18
C VAL B 429 3.65 1.18 31.00
N PHE B 430 3.90 0.04 30.37
CA PHE B 430 4.10 -1.19 31.14
C PHE B 430 5.40 -1.11 31.92
N GLU B 431 6.50 -0.72 31.24
CA GLU B 431 7.80 -0.62 31.88
C GLU B 431 7.80 0.41 33.01
N THR B 432 7.00 1.46 32.90
CA THR B 432 6.95 2.49 33.93
C THR B 432 6.11 2.04 35.12
N ARG B 433 4.97 1.39 34.88
CA ARG B 433 4.09 1.06 35.97
C ARG B 433 4.56 -0.15 36.76
N ILE B 434 5.41 -1.01 36.16
CA ILE B 434 5.93 -2.16 36.91
C ILE B 434 7.12 -1.80 37.77
N GLN B 435 7.50 -0.52 37.82
CA GLN B 435 8.62 -0.16 38.68
C GLN B 435 8.27 -0.31 40.16
N GLU B 436 6.99 -0.43 40.48
CA GLU B 436 6.58 -0.68 41.86
C GLU B 436 6.30 -2.15 42.11
N GLY B 437 6.64 -3.02 41.17
CA GLY B 437 6.61 -4.45 41.39
C GLY B 437 5.31 -5.12 41.03
N ILE B 438 4.32 -4.40 40.53
CA ILE B 438 2.99 -4.92 40.31
C ILE B 438 2.51 -4.51 38.94
N TRP B 439 1.81 -5.42 38.26
CA TRP B 439 1.03 -5.08 37.08
C TRP B 439 -0.39 -5.57 37.27
N GLN B 440 -1.36 -4.69 36.99
CA GLN B 440 -2.76 -5.09 37.03
C GLN B 440 -3.57 -4.14 36.15
N LYS B 441 -4.74 -4.59 35.74
CA LYS B 441 -5.67 -3.80 34.93
C LYS B 441 -6.94 -3.52 35.73
N SER B 442 -7.69 -2.51 35.32
CA SER B 442 -8.81 -2.09 36.17
C SER B 442 -10.17 -2.34 35.54
PB ADP D . -13.49 28.26 -23.04
O1B ADP D . -14.92 28.66 -23.34
O2B ADP D . -13.25 27.93 -21.58
O3B ADP D . -12.82 27.29 -24.02
PA ADP D . -11.35 30.16 -22.70
O1A ADP D . -11.59 30.87 -21.39
O2A ADP D . -10.33 29.03 -22.86
O3A ADP D . -12.80 29.71 -23.25
O5' ADP D . -10.96 31.24 -23.84
C5' ADP D . -9.98 30.89 -24.83
C4' ADP D . -9.19 32.12 -25.24
O4' ADP D . -10.11 33.20 -25.33
C3' ADP D . -8.19 32.47 -24.15
O3' ADP D . -6.87 32.51 -24.68
C2' ADP D . -8.62 33.82 -23.63
O2' ADP D . -7.51 34.71 -23.50
C1' ADP D . -9.57 34.34 -24.68
N9 ADP D . -10.66 35.06 -24.03
C8 ADP D . -11.67 34.53 -23.31
N7 ADP D . -12.51 35.50 -22.87
C5 ADP D . -12.01 36.68 -23.31
C6 ADP D . -12.39 38.10 -23.21
N6 ADP D . -13.50 38.50 -22.53
N1 ADP D . -11.58 39.00 -23.85
C2 ADP D . -10.48 38.63 -24.52
N3 ADP D . -10.07 37.36 -24.64
C4 ADP D . -10.79 36.37 -24.08
MG MG E . -12.34 26.04 -20.83
AL ALF F . -13.00 25.20 -24.20
F1 ALF F . -12.98 25.07 -25.98
F2 ALF F . -12.97 25.21 -22.43
F3 ALF F . -14.79 25.30 -24.21
F4 ALF F . -11.23 25.33 -24.19
PB ADP G . 18.21 -14.66 29.13
O1B ADP G . 17.35 -15.84 28.93
O2B ADP G . 17.83 -13.75 30.21
O3B ADP G . 18.43 -13.93 27.92
PA ADP G . 20.20 -16.70 29.41
O1A ADP G . 20.05 -17.22 27.99
O2A ADP G . 19.68 -17.51 30.60
O3A ADP G . 19.68 -15.16 29.46
O5' ADP G . 21.77 -16.45 29.71
C5' ADP G . 22.61 -15.96 28.66
C4' ADP G . 24.00 -16.54 28.82
O4' ADP G . 24.51 -16.24 30.11
C3' ADP G . 23.93 -18.04 28.72
O3' ADP G . 25.12 -18.35 28.02
C2' ADP G . 24.04 -18.52 30.13
O2' ADP G . 24.68 -19.79 30.16
C1' ADP G . 24.86 -17.44 30.79
N9 ADP G . 24.49 -17.32 32.22
C8 ADP G . 23.29 -17.02 32.74
N7 ADP G . 23.32 -17.02 34.10
C5 ADP G . 24.57 -17.36 34.47
C6 ADP G . 25.31 -17.55 35.75
N6 ADP G . 24.74 -17.40 36.98
N1 ADP G . 26.61 -17.88 35.66
C2 ADP G . 27.22 -18.04 34.48
N3 ADP G . 26.62 -17.90 33.28
C4 ADP G . 25.32 -17.56 33.22
MG MG H . 15.22 -16.26 27.90
AL ALF I . 17.26 -13.62 26.15
F1 ALF I . 18.33 -12.30 25.70
F2 ALF I . 16.17 -14.95 26.52
F3 ALF I . 16.33 -12.53 27.18
F4 ALF I . 18.18 -14.68 25.09
K K J . 8.41 4.03 -3.26
K K K . 9.28 2.59 -0.14
K K L . 10.72 1.17 3.75
#